data_8OZA
#
_entry.id   8OZA
#
_cell.length_a   57.030
_cell.length_b   62.240
_cell.length_c   67.540
_cell.angle_alpha   105.393
_cell.angle_beta   93.752
_cell.angle_gamma   115.430
#
_symmetry.space_group_name_H-M   'P 1'
#
loop_
_entity.id
_entity.type
_entity.pdbx_description
1 polymer 'Cathepsin L'
2 non-polymer 'methyl (2S)-1-[(2S,3S)-3-methyl-2-[[(3S)-3-oxidanyl-4-oxidanylidene-4-(propylamino)butanoyl]amino]pentanoyl]pyrrolidine-2-carboxylate'
3 non-polymer DI(HYDROXYETHYL)ETHER
4 non-polymer 1,2-ETHANEDIOL
5 non-polymer 'ACETATE ION'
6 non-polymer 'DIMETHYL SULFOXIDE'
7 water water
#
_entity_poly.entity_id   1
_entity_poly.type   'polypeptide(L)'
_entity_poly.pdbx_seq_one_letter_code
;APRSVDWREKGYVTPVKNQGQCGSCWAFSATGALEGQMFRKTGRLISLSEQNLVDCSGPQGNEGCNGGLMDYAFQYVQDN
GGLDSEESYPYEATEESCKYNPKYSVANDAGFVDIPKQEKALMKAVATVGPISVAIDAGHESFLFYKEGIYFEPDCSSED
MDHGVLVVGYGFESTESDNNKYWLVKNSWGEEWGMGGYVKMAKDRRNHCGIASAASYPTV
;
_entity_poly.pdbx_strand_id   A,B,C,D
#
# COMPACT_ATOMS: atom_id res chain seq x y z
N ALA A 1 -0.35 17.51 13.89
CA ALA A 1 -1.25 17.15 12.82
C ALA A 1 -1.34 15.63 12.74
N PRO A 2 -2.42 15.09 12.15
CA PRO A 2 -2.48 13.65 11.92
C PRO A 2 -1.33 13.20 11.03
N ARG A 3 -0.95 11.93 11.14
CA ARG A 3 0.17 11.38 10.33
C ARG A 3 -0.36 10.90 8.98
N SER A 4 -1.68 10.76 8.85
CA SER A 4 -2.33 10.30 7.63
C SER A 4 -3.69 10.95 7.56
N VAL A 5 -4.04 11.45 6.38
CA VAL A 5 -5.34 12.06 6.11
C VAL A 5 -5.83 11.60 4.75
N ASP A 6 -7.11 11.27 4.62
CA ASP A 6 -7.65 10.95 3.31
C ASP A 6 -9.11 11.40 3.25
N TRP A 7 -9.36 12.52 2.62
CA TRP A 7 -10.74 13.06 2.62
C TRP A 7 -11.70 12.20 1.79
N ARG A 8 -11.21 11.33 0.95
CA ARG A 8 -12.13 10.49 0.20
C ARG A 8 -12.95 9.63 1.15
N GLU A 9 -12.33 9.18 2.24
CA GLU A 9 -13.04 8.36 3.20
C GLU A 9 -14.08 9.12 3.98
N LYS A 10 -14.04 10.44 3.95
CA LYS A 10 -15.05 11.25 4.62
C LYS A 10 -16.15 11.73 3.68
N GLY A 11 -16.06 11.38 2.39
CA GLY A 11 -17.09 11.72 1.39
C GLY A 11 -16.92 13.10 0.75
N TYR A 12 -15.78 13.71 0.82
CA TYR A 12 -15.60 15.08 0.29
C TYR A 12 -15.15 15.09 -1.17
N VAL A 13 -15.05 13.93 -1.82
CA VAL A 13 -14.32 13.91 -3.11
C VAL A 13 -15.14 13.16 -4.16
N THR A 14 -15.41 13.82 -5.29
CA THR A 14 -16.09 13.17 -6.39
C THR A 14 -15.10 12.26 -7.14
N PRO A 15 -15.62 11.49 -8.06
CA PRO A 15 -14.75 10.61 -8.83
C PRO A 15 -13.79 11.39 -9.73
N VAL A 16 -12.77 10.71 -10.20
CA VAL A 16 -11.73 11.32 -11.08
C VAL A 16 -12.36 11.73 -12.40
N LYS A 17 -12.06 12.91 -12.84
CA LYS A 17 -12.57 13.42 -14.13
C LYS A 17 -11.44 13.43 -15.16
N ASN A 18 -11.74 13.82 -16.36
CA ASN A 18 -10.76 13.84 -17.45
C ASN A 18 -10.93 15.14 -18.23
N GLN A 19 -9.92 16.01 -18.14
CA GLN A 19 -9.98 17.31 -18.79
C GLN A 19 -9.78 17.22 -20.30
N GLY A 20 -9.49 16.02 -20.82
CA GLY A 20 -9.30 15.88 -22.25
C GLY A 20 -8.09 16.65 -22.70
N GLN A 21 -8.14 17.12 -23.94
CA GLN A 21 -7.00 17.82 -24.55
C GLN A 21 -7.15 19.33 -24.41
N CYS A 22 -7.65 19.82 -23.33
CA CYS A 22 -7.82 21.25 -23.10
C CYS A 22 -6.97 21.62 -21.87
N GLY A 23 -6.29 22.73 -21.90
CA GLY A 23 -5.49 23.20 -20.76
C GLY A 23 -6.31 23.80 -19.62
N SER A 24 -7.25 23.02 -19.11
CA SER A 24 -8.24 23.47 -18.13
C SER A 24 -8.02 22.84 -16.76
N CYS A 25 -6.80 22.34 -16.51
CA CYS A 25 -6.48 21.74 -15.21
C CYS A 25 -6.98 22.61 -14.05
N TRP A 26 -6.75 23.91 -14.13
CA TRP A 26 -7.16 24.85 -13.08
C TRP A 26 -8.64 24.74 -12.75
N ALA A 27 -9.48 24.47 -13.75
CA ALA A 27 -10.92 24.39 -13.55
C ALA A 27 -11.29 23.14 -12.75
N PHE A 28 -10.61 22.02 -13.01
CA PHE A 28 -10.88 20.77 -12.29
C PHE A 28 -10.36 20.86 -10.86
N SER A 29 -9.20 21.49 -10.68
CA SER A 29 -8.67 21.74 -9.35
C SER A 29 -9.64 22.55 -8.52
N ALA A 30 -10.15 23.63 -9.12
CA ALA A 30 -11.08 24.52 -8.39
C ALA A 30 -12.38 23.81 -8.07
N THR A 31 -12.99 23.12 -9.05
CA THR A 31 -14.22 22.40 -8.71
C THR A 31 -13.97 21.36 -7.62
N GLY A 32 -12.81 20.69 -7.66
CA GLY A 32 -12.50 19.72 -6.62
C GLY A 32 -12.50 20.33 -5.22
N ALA A 33 -11.78 21.45 -5.06
CA ALA A 33 -11.77 22.13 -3.76
C ALA A 33 -13.17 22.64 -3.36
N LEU A 34 -13.94 23.20 -4.30
CA LEU A 34 -15.29 23.69 -3.93
C LEU A 34 -16.26 22.55 -3.63
N GLU A 35 -16.15 21.44 -4.35
CA GLU A 35 -16.92 20.23 -4.04
C GLU A 35 -16.69 19.80 -2.59
N GLY A 36 -15.44 19.83 -2.15
CA GLY A 36 -15.13 19.46 -0.78
C GLY A 36 -15.68 20.45 0.22
N GLN A 37 -15.50 21.76 -0.03
CA GLN A 37 -16.04 22.74 0.92
C GLN A 37 -17.58 22.83 0.86
N MET A 38 -18.18 22.59 -0.28
CA MET A 38 -19.64 22.51 -0.28
C MET A 38 -20.12 21.31 0.53
N PHE A 39 -19.41 20.18 0.43
CA PHE A 39 -19.85 19.01 1.17
C PHE A 39 -19.65 19.22 2.65
N ARG A 40 -18.55 19.87 3.00
CA ARG A 40 -18.31 20.23 4.39
C ARG A 40 -19.48 21.00 4.94
N LYS A 41 -20.07 21.89 4.14
CA LYS A 41 -21.14 22.75 4.64
C LYS A 41 -22.48 22.05 4.66
N THR A 42 -22.85 21.38 3.57
CA THR A 42 -24.19 20.87 3.36
C THR A 42 -24.32 19.37 3.54
N GLY A 43 -23.22 18.63 3.54
CA GLY A 43 -23.34 17.18 3.52
C GLY A 43 -23.81 16.58 2.23
N ARG A 44 -23.89 17.35 1.14
CA ARG A 44 -24.21 16.81 -0.18
C ARG A 44 -23.01 17.02 -1.09
N LEU A 45 -22.55 15.93 -1.69
CA LEU A 45 -21.48 15.95 -2.67
C LEU A 45 -22.10 16.09 -4.05
N ILE A 46 -21.86 17.22 -4.72
CA ILE A 46 -22.42 17.50 -6.04
C ILE A 46 -21.27 17.86 -6.97
N SER A 47 -21.07 17.05 -7.99
CA SER A 47 -20.09 17.38 -9.03
C SER A 47 -20.40 18.73 -9.69
N LEU A 48 -19.38 19.58 -9.81
CA LEU A 48 -19.49 20.95 -10.29
C LEU A 48 -18.95 21.10 -11.72
N SER A 49 -19.45 22.13 -12.41
CA SER A 49 -19.20 22.32 -13.85
C SER A 49 -17.86 23.00 -14.09
N GLU A 50 -16.85 22.25 -14.57
CA GLU A 50 -15.65 22.89 -15.08
C GLU A 50 -15.93 23.72 -16.33
N GLN A 51 -16.85 23.27 -17.18
CA GLN A 51 -17.14 24.04 -18.38
C GLN A 51 -17.63 25.42 -18.02
N ASN A 52 -18.30 25.56 -17.02
CA ASN A 52 -18.88 26.83 -16.51
C ASN A 52 -17.71 27.79 -16.22
N LEU A 53 -16.67 27.20 -15.52
CA LEU A 53 -15.50 28.03 -15.24
C LEU A 53 -14.74 28.38 -16.53
N VAL A 54 -14.55 27.37 -17.39
CA VAL A 54 -13.77 27.59 -18.62
C VAL A 54 -14.42 28.66 -19.50
N ASP A 55 -15.74 28.63 -19.61
CA ASP A 55 -16.45 29.55 -20.49
C ASP A 55 -16.60 30.93 -19.88
N CYS A 56 -16.64 31.05 -18.54
CA CYS A 56 -17.26 32.22 -17.92
C CYS A 56 -16.34 33.04 -17.02
N SER A 57 -15.21 32.50 -16.54
CA SER A 57 -14.37 33.22 -15.58
C SER A 57 -13.20 33.96 -16.25
N GLY A 58 -13.28 34.24 -17.55
CA GLY A 58 -12.33 35.14 -18.17
C GLY A 58 -12.18 36.50 -17.48
N PRO A 59 -13.29 37.15 -17.09
CA PRO A 59 -13.12 38.46 -16.45
C PRO A 59 -12.35 38.38 -15.14
N GLN A 60 -12.28 37.21 -14.50
CA GLN A 60 -11.48 37.15 -13.28
C GLN A 60 -10.00 36.87 -13.55
N GLY A 61 -9.62 36.66 -14.82
CA GLY A 61 -8.25 36.41 -15.23
C GLY A 61 -8.00 35.07 -15.91
N ASN A 62 -8.98 34.17 -15.96
CA ASN A 62 -8.80 32.86 -16.59
C ASN A 62 -8.88 32.92 -18.11
N GLU A 63 -8.17 32.02 -18.74
CA GLU A 63 -8.05 31.99 -20.19
C GLU A 63 -8.44 30.62 -20.72
N GLY A 64 -9.43 30.01 -20.08
CA GLY A 64 -10.06 28.87 -20.73
C GLY A 64 -9.10 27.70 -20.87
N CYS A 65 -9.05 27.15 -22.09
CA CYS A 65 -8.15 26.03 -22.35
C CYS A 65 -6.71 26.46 -22.45
N ASN A 66 -6.44 27.76 -22.44
CA ASN A 66 -5.08 28.27 -22.45
C ASN A 66 -4.56 28.52 -21.05
N GLY A 67 -5.24 28.04 -20.02
CA GLY A 67 -4.75 28.13 -18.67
C GLY A 67 -5.59 29.06 -17.81
N GLY A 68 -5.29 29.02 -16.51
CA GLY A 68 -6.10 29.70 -15.52
C GLY A 68 -5.50 29.54 -14.14
N LEU A 69 -6.21 30.00 -13.12
CA LEU A 69 -5.74 29.85 -11.74
C LEU A 69 -6.94 29.50 -10.90
N MET A 70 -6.76 28.61 -9.92
CA MET A 70 -7.90 28.24 -9.08
C MET A 70 -8.45 29.44 -8.33
N ASP A 71 -7.58 30.35 -7.89
CA ASP A 71 -8.05 31.52 -7.15
C ASP A 71 -8.97 32.38 -7.99
N TYR A 72 -8.64 32.54 -9.29
CA TYR A 72 -9.54 33.27 -10.17
C TYR A 72 -10.87 32.55 -10.31
N ALA A 73 -10.82 31.23 -10.30
CA ALA A 73 -12.08 30.48 -10.36
C ALA A 73 -12.90 30.71 -9.09
N PHE A 74 -12.27 30.76 -7.95
CA PHE A 74 -13.04 31.00 -6.71
C PHE A 74 -13.63 32.41 -6.73
N GLN A 75 -12.86 33.35 -7.21
CA GLN A 75 -13.36 34.74 -7.31
C GLN A 75 -14.55 34.77 -8.26
N TYR A 76 -14.52 34.00 -9.34
CA TYR A 76 -15.65 33.97 -10.30
C TYR A 76 -16.92 33.45 -9.61
N VAL A 77 -16.80 32.38 -8.88
CA VAL A 77 -17.99 31.85 -8.17
C VAL A 77 -18.53 32.92 -7.22
N GLN A 78 -17.69 33.61 -6.50
CA GLN A 78 -18.21 34.63 -5.59
C GLN A 78 -18.80 35.79 -6.39
N ASP A 79 -18.09 36.30 -7.39
CA ASP A 79 -18.59 37.42 -8.18
C ASP A 79 -19.88 37.05 -8.87
N ASN A 80 -19.94 35.84 -9.38
CA ASN A 80 -21.07 35.41 -10.18
C ASN A 80 -22.29 35.08 -9.35
N GLY A 81 -22.09 34.81 -8.06
CA GLY A 81 -23.18 34.35 -7.21
C GLY A 81 -23.58 32.91 -7.41
N GLY A 82 -22.70 32.07 -7.95
CA GLY A 82 -23.10 30.69 -8.16
C GLY A 82 -22.21 29.98 -9.16
N LEU A 83 -22.44 28.67 -9.25
CA LEU A 83 -21.75 27.77 -10.18
C LEU A 83 -22.69 26.61 -10.48
N ASP A 84 -22.82 26.26 -11.76
CA ASP A 84 -23.75 25.22 -12.15
C ASP A 84 -23.17 23.85 -11.85
N SER A 85 -24.07 22.86 -11.74
CA SER A 85 -23.65 21.49 -11.56
C SER A 85 -23.01 20.96 -12.85
N GLU A 86 -22.17 19.93 -12.68
CA GLU A 86 -21.61 19.25 -13.84
C GLU A 86 -22.71 18.66 -14.71
N GLU A 87 -23.76 18.14 -14.08
CA GLU A 87 -24.83 17.50 -14.83
C GLU A 87 -25.57 18.50 -15.69
N SER A 88 -25.73 19.73 -15.19
CA SER A 88 -26.47 20.77 -15.89
C SER A 88 -25.63 21.49 -16.93
N TYR A 89 -24.33 21.51 -16.78
CA TYR A 89 -23.41 22.22 -17.70
C TYR A 89 -22.19 21.32 -17.93
N PRO A 90 -22.36 20.25 -18.69
CA PRO A 90 -21.41 19.19 -19.00
C PRO A 90 -20.10 19.68 -19.64
N TYR A 91 -19.06 18.90 -19.45
CA TYR A 91 -17.74 19.28 -19.91
C TYR A 91 -17.55 18.97 -21.39
N GLU A 92 -17.10 19.96 -22.16
CA GLU A 92 -16.87 19.75 -23.59
C GLU A 92 -15.43 19.86 -24.04
N ALA A 93 -14.48 20.21 -23.15
CA ALA A 93 -13.05 20.22 -23.47
C ALA A 93 -12.70 21.24 -24.54
N THR A 94 -13.50 22.29 -24.66
CA THR A 94 -13.16 23.38 -25.56
C THR A 94 -13.86 24.62 -25.05
N GLU A 95 -13.27 25.79 -25.29
CA GLU A 95 -13.89 27.01 -24.75
C GLU A 95 -15.02 27.45 -25.67
N GLU A 96 -16.15 27.74 -25.05
CA GLU A 96 -17.38 28.24 -25.73
C GLU A 96 -17.90 29.46 -24.95
N SER A 97 -18.88 30.18 -25.49
CA SER A 97 -19.39 31.34 -24.79
C SER A 97 -20.08 30.91 -23.50
N CYS A 98 -20.17 31.84 -22.55
N CYS A 98 -20.16 31.85 -22.56
CA CYS A 98 -20.69 31.53 -21.23
CA CYS A 98 -20.75 31.59 -21.26
C CYS A 98 -22.18 31.21 -21.28
C CYS A 98 -22.21 31.16 -21.39
N LYS A 99 -22.58 30.09 -20.69
CA LYS A 99 -23.96 29.63 -20.69
C LYS A 99 -24.49 29.44 -19.28
N TYR A 100 -23.86 30.07 -18.29
CA TYR A 100 -24.26 29.93 -16.90
C TYR A 100 -25.73 30.25 -16.74
N ASN A 101 -26.43 29.48 -15.95
CA ASN A 101 -27.85 29.65 -15.64
C ASN A 101 -27.99 29.59 -14.12
N PRO A 102 -28.32 30.68 -13.50
CA PRO A 102 -28.37 30.67 -12.02
C PRO A 102 -29.37 29.67 -11.46
N LYS A 103 -30.42 29.33 -12.21
CA LYS A 103 -31.39 28.34 -11.70
C LYS A 103 -30.74 27.02 -11.37
N TYR A 104 -29.66 26.67 -12.07
CA TYR A 104 -29.03 25.38 -11.85
C TYR A 104 -27.78 25.50 -11.03
N SER A 105 -27.55 26.65 -10.40
CA SER A 105 -26.41 26.81 -9.53
C SER A 105 -26.58 25.96 -8.28
N VAL A 106 -25.49 25.30 -7.87
CA VAL A 106 -25.53 24.40 -6.73
C VAL A 106 -24.37 24.64 -5.78
N ALA A 107 -23.53 25.63 -6.04
CA ALA A 107 -22.37 25.96 -5.21
C ALA A 107 -22.25 27.47 -5.10
N ASN A 108 -21.63 27.93 -4.01
CA ASN A 108 -21.31 29.32 -3.80
C ASN A 108 -20.01 29.38 -3.05
N ASP A 109 -19.36 30.54 -3.08
CA ASP A 109 -18.31 30.78 -2.10
C ASP A 109 -18.21 32.27 -1.84
N ALA A 110 -17.44 32.59 -0.81
CA ALA A 110 -17.33 33.94 -0.26
C ALA A 110 -15.90 34.42 -0.29
N GLY A 111 -15.08 33.83 -1.13
CA GLY A 111 -13.68 34.16 -1.13
C GLY A 111 -12.87 32.89 -1.08
N PHE A 112 -11.63 33.06 -0.70
CA PHE A 112 -10.69 31.95 -0.73
C PHE A 112 -9.56 32.33 0.19
N VAL A 113 -8.74 31.34 0.50
CA VAL A 113 -7.64 31.49 1.43
C VAL A 113 -6.42 30.96 0.74
N ASP A 114 -5.39 31.78 0.67
CA ASP A 114 -4.11 31.32 0.14
C ASP A 114 -3.29 30.82 1.32
N ILE A 115 -2.56 29.73 1.09
CA ILE A 115 -1.84 29.04 2.15
C ILE A 115 -0.39 29.49 2.08
N PRO A 116 0.25 29.77 3.22
CA PRO A 116 1.67 30.11 3.19
C PRO A 116 2.44 29.04 2.42
N LYS A 117 3.55 29.45 1.81
CA LYS A 117 4.28 28.62 0.84
C LYS A 117 5.27 27.67 1.55
N GLN A 118 4.72 26.86 2.45
CA GLN A 118 5.50 25.82 3.11
C GLN A 118 4.68 24.55 3.22
N GLU A 119 5.33 23.43 3.10
CA GLU A 119 4.60 22.16 3.22
C GLU A 119 4.01 22.04 4.63
N LYS A 120 4.65 22.55 5.65
CA LYS A 120 4.02 22.45 6.98
C LYS A 120 2.66 23.15 7.02
N ALA A 121 2.50 24.28 6.32
CA ALA A 121 1.21 24.96 6.32
C ALA A 121 0.19 24.24 5.44
N LEU A 122 0.63 23.70 4.31
CA LEU A 122 -0.24 22.85 3.50
C LEU A 122 -0.75 21.68 4.33
N MET A 123 0.13 20.99 5.04
CA MET A 123 -0.32 19.86 5.83
C MET A 123 -1.40 20.29 6.82
N LYS A 124 -1.18 21.41 7.52
CA LYS A 124 -2.19 21.86 8.48
C LYS A 124 -3.51 22.20 7.81
N ALA A 125 -3.46 22.82 6.62
CA ALA A 125 -4.67 23.09 5.85
C ALA A 125 -5.35 21.80 5.44
N VAL A 126 -4.61 20.86 4.83
CA VAL A 126 -5.24 19.61 4.44
C VAL A 126 -5.87 18.93 5.68
N ALA A 127 -5.15 18.94 6.80
CA ALA A 127 -5.64 18.24 7.99
C ALA A 127 -6.95 18.82 8.52
N THR A 128 -7.17 20.12 8.36
CA THR A 128 -8.25 20.80 9.05
C THR A 128 -9.35 21.32 8.15
N VAL A 129 -9.08 21.51 6.85
CA VAL A 129 -10.03 22.14 5.94
C VAL A 129 -10.74 21.11 5.06
N GLY A 130 -9.98 20.24 4.41
CA GLY A 130 -10.54 19.43 3.37
C GLY A 130 -9.57 19.47 2.20
N PRO A 131 -10.01 18.99 1.06
CA PRO A 131 -9.14 18.97 -0.12
C PRO A 131 -8.70 20.38 -0.49
N ILE A 132 -7.44 20.51 -0.90
CA ILE A 132 -6.78 21.79 -1.20
C ILE A 132 -6.36 21.84 -2.66
N SER A 133 -6.66 22.95 -3.33
CA SER A 133 -6.16 23.21 -4.67
C SER A 133 -4.69 23.56 -4.60
N VAL A 134 -3.88 22.96 -5.49
CA VAL A 134 -2.45 23.25 -5.58
C VAL A 134 -2.02 23.21 -7.05
N ALA A 135 -0.88 23.82 -7.31
CA ALA A 135 -0.27 23.79 -8.63
C ALA A 135 1.05 23.05 -8.51
N ILE A 136 1.39 22.24 -9.53
CA ILE A 136 2.61 21.45 -9.55
C ILE A 136 3.31 21.57 -10.90
N ASP A 137 4.58 21.19 -10.92
CA ASP A 137 5.35 20.94 -12.14
C ASP A 137 5.12 19.50 -12.55
N ALA A 138 4.19 19.28 -13.48
CA ALA A 138 3.86 17.98 -14.07
C ALA A 138 4.48 17.78 -15.44
N GLY A 139 5.42 18.64 -15.84
CA GLY A 139 6.00 18.58 -17.18
C GLY A 139 7.23 17.69 -17.32
N HIS A 140 7.07 16.42 -17.02
CA HIS A 140 8.14 15.39 -17.15
C HIS A 140 7.52 14.07 -17.57
N GLU A 141 8.17 13.31 -18.40
CA GLU A 141 7.60 12.05 -18.90
C GLU A 141 7.31 11.09 -17.74
N SER A 142 8.16 11.11 -16.72
CA SER A 142 7.94 10.34 -15.51
C SER A 142 6.51 10.49 -14.97
N PHE A 143 5.97 11.71 -15.02
CA PHE A 143 4.63 11.98 -14.50
C PHE A 143 3.58 11.40 -15.43
N LEU A 144 3.84 11.41 -16.74
CA LEU A 144 2.90 10.82 -17.69
C LEU A 144 2.76 9.34 -17.44
N PHE A 145 3.86 8.66 -17.15
CA PHE A 145 3.90 7.21 -17.01
C PHE A 145 3.74 6.73 -15.57
N TYR A 146 3.48 7.64 -14.67
CA TYR A 146 3.32 7.25 -13.25
C TYR A 146 2.30 6.12 -13.12
N LYS A 147 2.63 5.11 -12.36
CA LYS A 147 1.72 3.96 -12.14
C LYS A 147 1.45 3.75 -10.65
N GLU A 148 2.43 3.85 -9.78
CA GLU A 148 2.23 3.60 -8.36
C GLU A 148 3.48 4.05 -7.63
N GLY A 149 3.42 4.01 -6.31
CA GLY A 149 4.51 4.48 -5.51
C GLY A 149 4.49 5.99 -5.29
N ILE A 150 5.53 6.44 -4.62
CA ILE A 150 5.71 7.86 -4.35
C ILE A 150 6.45 8.48 -5.52
N TYR A 151 5.82 9.44 -6.18
CA TYR A 151 6.39 10.12 -7.33
C TYR A 151 7.48 11.10 -6.90
N PHE A 152 8.71 10.89 -7.39
CA PHE A 152 9.79 11.82 -7.11
C PHE A 152 10.57 12.03 -8.40
N GLU A 153 10.70 13.28 -8.81
CA GLU A 153 11.35 13.62 -10.08
C GLU A 153 12.51 14.58 -9.81
N PRO A 154 13.76 14.12 -9.88
CA PRO A 154 14.88 15.00 -9.53
C PRO A 154 14.92 16.31 -10.30
N ASP A 155 14.35 16.36 -11.51
CA ASP A 155 14.38 17.59 -12.29
C ASP A 155 13.15 18.45 -12.05
N CYS A 156 12.36 18.14 -11.03
CA CYS A 156 11.12 18.88 -10.79
C CYS A 156 11.43 20.25 -10.22
N SER A 157 10.73 21.26 -10.72
CA SER A 157 10.90 22.64 -10.29
C SER A 157 9.87 23.01 -9.24
N SER A 158 10.31 23.77 -8.24
N SER A 158 10.30 23.78 -8.25
CA SER A 158 9.42 24.29 -7.20
CA SER A 158 9.42 24.29 -7.21
C SER A 158 8.98 25.72 -7.48
C SER A 158 8.98 25.72 -7.49
N GLU A 159 9.35 26.26 -8.65
CA GLU A 159 8.99 27.62 -9.01
C GLU A 159 8.17 27.71 -10.27
N ASP A 160 8.26 26.72 -11.15
CA ASP A 160 7.58 26.75 -12.44
C ASP A 160 6.55 25.63 -12.45
N MET A 161 5.39 25.92 -11.86
CA MET A 161 4.26 25.02 -11.86
C MET A 161 3.46 25.19 -13.14
N ASP A 162 3.07 24.07 -13.75
CA ASP A 162 2.27 24.12 -14.96
C ASP A 162 0.93 23.38 -14.87
N HIS A 163 0.56 22.86 -13.70
CA HIS A 163 -0.57 21.93 -13.61
C HIS A 163 -1.31 22.11 -12.29
N GLY A 164 -2.62 22.28 -12.35
CA GLY A 164 -3.43 22.46 -11.17
C GLY A 164 -4.06 21.12 -10.83
N VAL A 165 -3.86 20.68 -9.58
CA VAL A 165 -4.46 19.44 -9.10
C VAL A 165 -5.03 19.66 -7.70
N LEU A 166 -5.38 18.57 -7.01
CA LEU A 166 -6.11 18.64 -5.75
C LEU A 166 -5.48 17.69 -4.75
N VAL A 167 -4.98 18.23 -3.64
CA VAL A 167 -4.50 17.38 -2.55
C VAL A 167 -5.71 16.92 -1.74
N VAL A 168 -5.96 15.61 -1.68
CA VAL A 168 -7.07 15.10 -0.89
C VAL A 168 -6.62 14.46 0.40
N GLY A 169 -5.33 14.51 0.72
CA GLY A 169 -4.84 13.84 1.90
C GLY A 169 -3.33 13.74 1.85
N TYR A 170 -2.80 12.99 2.80
CA TYR A 170 -1.37 12.66 2.79
C TYR A 170 -1.20 11.45 3.68
N GLY A 171 -0.01 10.86 3.61
CA GLY A 171 0.25 9.68 4.39
C GLY A 171 1.70 9.24 4.20
N PHE A 172 1.96 7.97 4.48
CA PHE A 172 3.31 7.43 4.41
C PHE A 172 3.26 5.97 3.98
N GLU A 173 4.37 5.52 3.39
CA GLU A 173 4.58 4.10 3.15
C GLU A 173 6.08 3.84 3.03
N SER A 174 6.50 2.68 3.54
CA SER A 174 7.92 2.38 3.60
C SER A 174 8.49 2.29 2.21
N THR A 175 9.65 2.88 2.00
CA THR A 175 10.32 2.85 0.69
C THR A 175 11.79 2.48 0.82
N GLU A 176 12.38 2.12 -0.32
CA GLU A 176 13.80 1.84 -0.40
C GLU A 176 14.64 2.98 0.16
N SER A 177 14.35 4.23 -0.29
CA SER A 177 15.16 5.38 0.04
C SER A 177 14.79 6.00 1.38
N ASP A 178 13.71 5.52 2.00
CA ASP A 178 13.22 6.00 3.29
C ASP A 178 12.70 7.42 3.20
N ASN A 179 12.39 7.88 1.99
CA ASN A 179 11.57 9.06 1.76
C ASN A 179 10.13 8.56 1.63
N ASN A 180 9.45 8.49 2.78
CA ASN A 180 8.25 7.69 2.94
C ASN A 180 6.96 8.48 2.88
N LYS A 181 7.02 9.80 2.90
CA LYS A 181 5.83 10.62 3.04
C LYS A 181 5.35 11.12 1.68
N TYR A 182 4.03 11.15 1.52
CA TYR A 182 3.45 11.59 0.25
C TYR A 182 2.21 12.46 0.48
N TRP A 183 1.98 13.37 -0.45
CA TRP A 183 0.67 13.97 -0.65
C TRP A 183 -0.16 13.07 -1.54
N LEU A 184 -1.43 12.89 -1.18
CA LEU A 184 -2.39 12.14 -2.01
C LEU A 184 -3.08 13.15 -2.91
N VAL A 185 -2.77 13.06 -4.19
CA VAL A 185 -3.21 14.06 -5.19
C VAL A 185 -4.17 13.49 -6.23
N LYS A 186 -5.28 14.15 -6.39
CA LYS A 186 -6.26 13.80 -7.44
C LYS A 186 -5.93 14.60 -8.72
N ASN A 187 -5.69 13.90 -9.80
CA ASN A 187 -5.43 14.50 -11.09
C ASN A 187 -6.75 14.55 -11.89
N SER A 188 -6.68 15.10 -13.10
CA SER A 188 -7.85 15.24 -13.96
C SER A 188 -7.55 14.65 -15.33
N TRP A 189 -6.81 13.53 -15.36
CA TRP A 189 -6.45 12.89 -16.61
C TRP A 189 -7.17 11.56 -16.79
N GLY A 190 -8.27 11.37 -16.04
CA GLY A 190 -9.02 10.13 -16.06
C GLY A 190 -8.44 9.06 -15.15
N GLU A 191 -9.18 7.97 -15.02
CA GLU A 191 -8.91 6.92 -14.05
C GLU A 191 -7.80 5.98 -14.51
N GLU A 192 -7.50 6.01 -15.79
CA GLU A 192 -6.47 5.15 -16.42
C GLU A 192 -5.08 5.69 -16.09
N TRP A 193 -4.94 6.96 -15.83
CA TRP A 193 -3.62 7.50 -15.46
C TRP A 193 -3.32 7.17 -14.01
N GLY A 194 -2.10 6.86 -13.70
CA GLY A 194 -1.72 6.66 -12.30
C GLY A 194 -2.47 5.56 -11.58
N MET A 195 -2.74 5.80 -10.29
CA MET A 195 -3.44 4.81 -9.48
C MET A 195 -4.90 5.19 -9.49
N GLY A 196 -5.64 4.71 -10.48
CA GLY A 196 -7.03 5.13 -10.52
C GLY A 196 -7.19 6.63 -10.64
N GLY A 197 -6.23 7.30 -11.26
CA GLY A 197 -6.27 8.77 -11.47
C GLY A 197 -5.58 9.56 -10.38
N TYR A 198 -5.05 8.90 -9.39
CA TYR A 198 -4.39 9.57 -8.25
C TYR A 198 -2.89 9.38 -8.31
N VAL A 199 -2.17 10.28 -7.68
CA VAL A 199 -0.72 10.17 -7.56
C VAL A 199 -0.32 10.44 -6.11
N LYS A 200 0.68 9.71 -5.65
CA LYS A 200 1.31 9.97 -4.35
C LYS A 200 2.57 10.79 -4.62
N MET A 201 2.51 12.07 -4.32
N MET A 201 2.49 12.08 -4.33
CA MET A 201 3.62 12.97 -4.62
CA MET A 201 3.58 13.02 -4.57
C MET A 201 4.49 13.15 -3.39
C MET A 201 4.50 13.08 -3.36
N ALA A 202 5.80 13.16 -3.63
CA ALA A 202 6.77 13.23 -2.54
C ALA A 202 6.47 14.39 -1.61
N LYS A 203 6.39 14.10 -0.31
CA LYS A 203 6.07 15.09 0.70
C LYS A 203 7.27 15.31 1.61
N ASP A 204 7.49 16.55 1.95
CA ASP A 204 8.59 16.93 2.81
C ASP A 204 9.96 16.76 2.16
N ARG A 205 9.98 16.81 0.85
CA ARG A 205 11.22 16.76 0.07
C ARG A 205 11.42 18.10 -0.62
N ARG A 206 11.68 19.13 0.18
CA ARG A 206 11.95 20.49 -0.33
C ARG A 206 10.83 20.97 -1.27
N ASN A 207 9.57 20.83 -0.87
CA ASN A 207 8.45 21.30 -1.69
C ASN A 207 8.60 20.79 -3.12
N HIS A 208 8.67 19.46 -3.21
CA HIS A 208 8.89 18.81 -4.47
C HIS A 208 7.81 19.21 -5.49
N CYS A 209 8.24 19.61 -6.68
CA CYS A 209 7.40 20.07 -7.78
C CYS A 209 6.55 21.28 -7.42
N GLY A 210 6.88 21.96 -6.31
CA GLY A 210 6.19 23.18 -5.96
C GLY A 210 4.81 23.00 -5.38
N ILE A 211 4.49 21.82 -4.84
CA ILE A 211 3.12 21.56 -4.42
C ILE A 211 2.61 22.54 -3.35
N ALA A 212 3.50 23.14 -2.56
CA ALA A 212 3.06 24.07 -1.53
C ALA A 212 3.14 25.54 -1.97
N SER A 213 3.49 25.82 -3.21
CA SER A 213 3.80 27.21 -3.60
C SER A 213 2.60 28.01 -4.04
N ALA A 214 1.52 27.36 -4.43
CA ALA A 214 0.31 28.03 -4.88
C ALA A 214 -0.90 27.22 -4.41
N ALA A 215 -1.02 27.06 -3.09
CA ALA A 215 -2.11 26.27 -2.54
C ALA A 215 -3.21 27.18 -2.02
N SER A 216 -4.46 26.80 -2.24
CA SER A 216 -5.57 27.65 -1.78
C SER A 216 -6.83 26.82 -1.67
N TYR A 217 -7.84 27.39 -1.01
CA TYR A 217 -9.15 26.76 -1.00
C TYR A 217 -10.24 27.80 -0.91
N PRO A 218 -11.44 27.49 -1.36
CA PRO A 218 -12.51 28.46 -1.32
C PRO A 218 -13.15 28.57 0.06
N THR A 219 -13.71 29.70 0.43
CA THR A 219 -14.43 29.78 1.72
C THR A 219 -15.91 29.70 1.41
N VAL A 220 -16.57 28.78 2.04
CA VAL A 220 -18.02 28.58 1.80
C VAL A 220 -18.77 28.97 3.08
N ALA B 1 0.30 -15.07 14.82
CA ALA B 1 1.16 -14.59 15.90
C ALA B 1 0.82 -15.29 17.22
N PRO B 2 1.78 -15.38 18.15
CA PRO B 2 1.44 -15.90 19.48
C PRO B 2 0.35 -15.07 20.11
N ARG B 3 -0.30 -15.66 21.13
CA ARG B 3 -1.36 -14.94 21.84
C ARG B 3 -0.78 -13.88 22.77
N SER B 4 0.47 -14.05 23.23
CA SER B 4 1.08 -13.00 24.03
C SER B 4 2.58 -13.04 23.82
N VAL B 5 3.19 -11.86 23.95
CA VAL B 5 4.60 -11.61 23.63
C VAL B 5 5.14 -10.64 24.67
N ASP B 6 6.35 -10.89 25.18
CA ASP B 6 7.02 -9.99 26.10
C ASP B 6 8.50 -10.09 25.79
N TRP B 7 9.01 -9.14 25.03
CA TRP B 7 10.41 -9.22 24.60
C TRP B 7 11.38 -9.02 25.76
N ARG B 8 10.93 -8.56 26.93
CA ARG B 8 11.86 -8.46 28.06
C ARG B 8 12.35 -9.83 28.50
N GLU B 9 11.55 -10.87 28.32
CA GLU B 9 11.96 -12.17 28.80
C GLU B 9 12.94 -12.81 27.85
N LYS B 10 13.09 -12.25 26.66
CA LYS B 10 14.06 -12.73 25.70
C LYS B 10 15.36 -11.95 25.71
N GLY B 11 15.50 -10.91 26.52
CA GLY B 11 16.74 -10.15 26.55
C GLY B 11 16.79 -8.96 25.62
N TYR B 12 15.65 -8.52 25.06
CA TYR B 12 15.68 -7.45 24.06
C TYR B 12 15.62 -6.05 24.64
N VAL B 13 15.35 -5.90 25.94
CA VAL B 13 14.89 -4.62 26.48
C VAL B 13 15.75 -4.21 27.66
N THR B 14 16.25 -3.00 27.64
CA THR B 14 17.05 -2.50 28.77
C THR B 14 16.09 -2.02 29.88
N PRO B 15 16.61 -1.64 31.03
CA PRO B 15 15.72 -1.13 32.07
C PRO B 15 15.05 0.21 31.72
N VAL B 16 14.04 0.57 32.48
CA VAL B 16 13.32 1.85 32.24
C VAL B 16 14.28 3.00 32.53
N LYS B 17 14.24 3.98 31.66
CA LYS B 17 15.07 5.21 31.74
C LYS B 17 14.16 6.41 32.06
N ASN B 18 14.75 7.56 32.25
CA ASN B 18 13.97 8.73 32.64
C ASN B 18 14.48 9.91 31.84
N GLN B 19 13.66 10.38 30.97
CA GLN B 19 14.04 11.52 30.11
C GLN B 19 14.09 12.81 30.93
N GLY B 20 13.61 12.83 32.16
CA GLY B 20 13.70 14.08 32.92
C GLY B 20 12.86 15.18 32.31
N GLN B 21 13.30 16.43 32.54
CA GLN B 21 12.53 17.59 32.10
C GLN B 21 13.04 18.07 30.74
N CYS B 22 12.94 17.17 29.77
CA CYS B 22 13.47 17.41 28.43
C CYS B 22 12.51 16.70 27.50
N GLY B 23 12.09 17.35 26.42
CA GLY B 23 11.11 16.76 25.51
C GLY B 23 11.72 15.76 24.55
N SER B 24 12.40 14.74 25.08
CA SER B 24 13.23 13.85 24.28
C SER B 24 12.68 12.42 24.23
N CYS B 25 11.38 12.24 24.52
CA CYS B 25 10.72 10.95 24.41
C CYS B 25 11.14 10.24 23.11
N TRP B 26 11.25 11.00 22.03
CA TRP B 26 11.57 10.41 20.73
C TRP B 26 12.93 9.69 20.74
N ALA B 27 13.90 10.26 21.47
CA ALA B 27 15.21 9.66 21.53
C ALA B 27 15.17 8.36 22.34
N PHE B 28 14.36 8.31 23.39
CA PHE B 28 14.27 7.08 24.19
C PHE B 28 13.53 5.99 23.45
N SER B 29 12.44 6.35 22.78
CA SER B 29 11.75 5.37 21.95
C SER B 29 12.70 4.81 20.90
N ALA B 30 13.49 5.69 20.27
CA ALA B 30 14.38 5.21 19.21
C ALA B 30 15.48 4.33 19.76
N THR B 31 16.17 4.74 20.84
CA THR B 31 17.18 3.81 21.38
C THR B 31 16.55 2.48 21.82
N GLY B 32 15.34 2.51 22.36
CA GLY B 32 14.68 1.25 22.72
C GLY B 32 14.54 0.32 21.52
N ALA B 33 14.05 0.84 20.40
CA ALA B 33 13.87 0.00 19.22
C ALA B 33 15.22 -0.45 18.66
N LEU B 34 16.23 0.42 18.69
CA LEU B 34 17.52 0.05 18.15
C LEU B 34 18.24 -0.92 19.09
N GLU B 35 18.08 -0.76 20.41
CA GLU B 35 18.59 -1.74 21.36
C GLU B 35 18.05 -3.11 21.03
N GLY B 36 16.74 -3.19 20.76
CA GLY B 36 16.11 -4.45 20.43
C GLY B 36 16.66 -5.08 19.16
N GLN B 37 16.79 -4.27 18.10
CA GLN B 37 17.25 -4.80 16.81
C GLN B 37 18.71 -5.16 16.87
N MET B 38 19.52 -4.37 17.59
CA MET B 38 20.90 -4.78 17.77
C MET B 38 20.99 -6.12 18.50
N PHE B 39 20.15 -6.32 19.51
CA PHE B 39 20.17 -7.60 20.21
C PHE B 39 19.74 -8.73 19.30
N ARG B 40 18.71 -8.46 18.49
CA ARG B 40 18.25 -9.44 17.53
C ARG B 40 19.38 -9.90 16.62
N LYS B 41 20.26 -8.98 16.23
N LYS B 41 20.23 -8.95 16.18
CA LYS B 41 21.27 -9.27 15.19
CA LYS B 41 21.29 -9.19 15.20
C LYS B 41 22.65 -9.57 15.74
C LYS B 41 22.54 -9.76 15.83
N THR B 42 22.92 -9.25 17.01
CA THR B 42 24.20 -9.58 17.64
C THR B 42 24.09 -10.44 18.88
N GLY B 43 22.89 -10.59 19.47
CA GLY B 43 22.77 -11.28 20.75
C GLY B 43 23.31 -10.53 21.95
N ARG B 44 23.58 -9.25 21.78
CA ARG B 44 24.11 -8.45 22.91
C ARG B 44 23.23 -7.24 23.19
N LEU B 45 22.80 -7.10 24.42
CA LEU B 45 21.99 -5.93 24.78
C LEU B 45 22.94 -4.84 25.27
N ILE B 46 23.02 -3.76 24.56
CA ILE B 46 23.86 -2.62 25.00
C ILE B 46 23.01 -1.34 25.04
N SER B 47 22.88 -0.76 26.21
CA SER B 47 22.12 0.48 26.35
C SER B 47 22.75 1.60 25.51
N LEU B 48 21.92 2.32 24.75
CA LEU B 48 22.37 3.30 23.76
C LEU B 48 22.13 4.73 24.23
N SER B 49 22.89 5.69 23.64
CA SER B 49 22.93 7.06 24.13
C SER B 49 21.79 7.90 23.55
N GLU B 50 20.80 8.26 24.39
CA GLU B 50 19.82 9.27 23.99
C GLU B 50 20.49 10.63 23.84
N GLN B 51 21.48 10.93 24.67
CA GLN B 51 22.14 12.23 24.58
C GLN B 51 22.79 12.41 23.22
N ASN B 52 23.40 11.34 22.70
CA ASN B 52 23.98 11.37 21.37
C ASN B 52 22.92 11.81 20.34
N LEU B 53 21.72 11.25 20.44
CA LEU B 53 20.70 11.65 19.48
C LEU B 53 20.23 13.08 19.73
N VAL B 54 20.09 13.44 21.00
CA VAL B 54 19.62 14.79 21.30
C VAL B 54 20.59 15.84 20.75
N ASP B 55 21.90 15.64 20.96
CA ASP B 55 22.90 16.62 20.56
C ASP B 55 23.18 16.61 19.05
N CYS B 56 23.05 15.45 18.38
CA CYS B 56 23.68 15.24 17.07
C CYS B 56 22.71 15.04 15.91
N SER B 57 21.43 14.75 16.17
CA SER B 57 20.56 14.38 15.06
C SER B 57 19.70 15.54 14.56
N GLY B 58 20.06 16.79 14.86
CA GLY B 58 19.40 17.92 14.26
C GLY B 58 19.40 17.90 12.75
N PRO B 59 20.50 17.47 12.10
CA PRO B 59 20.50 17.53 10.62
C PRO B 59 19.49 16.60 9.99
N GLN B 60 19.00 15.60 10.73
CA GLN B 60 17.98 14.70 10.22
C GLN B 60 16.56 15.15 10.57
N GLY B 61 16.40 16.28 11.27
CA GLY B 61 15.08 16.81 11.57
C GLY B 61 14.78 16.91 13.03
N ASN B 62 15.65 16.42 13.91
CA ASN B 62 15.28 16.42 15.32
C ASN B 62 15.64 17.76 15.95
N GLU B 63 14.95 18.08 17.02
CA GLU B 63 15.04 19.36 17.69
C GLU B 63 15.35 19.20 19.17
N GLY B 64 16.05 18.12 19.53
CA GLY B 64 16.62 18.02 20.87
C GLY B 64 15.52 17.94 21.91
N CYS B 65 15.55 18.84 22.90
CA CYS B 65 14.52 18.79 23.93
C CYS B 65 13.21 19.39 23.49
N ASN B 66 13.14 19.94 22.28
CA ASN B 66 11.89 20.51 21.80
C ASN B 66 11.12 19.54 20.92
N GLY B 67 11.53 18.28 20.86
CA GLY B 67 10.78 17.28 20.10
C GLY B 67 11.63 16.67 18.99
N GLY B 68 11.05 15.64 18.38
CA GLY B 68 11.78 14.92 17.34
C GLY B 68 10.96 13.72 16.93
N LEU B 69 11.55 12.85 16.12
CA LEU B 69 10.84 11.67 15.69
C LEU B 69 11.81 10.51 15.64
N MET B 70 11.28 9.34 15.97
CA MET B 70 12.14 8.16 16.02
C MET B 70 12.75 7.88 14.65
N ASP B 71 12.00 8.11 13.56
CA ASP B 71 12.56 7.83 12.24
C ASP B 71 13.73 8.75 11.95
N TYR B 72 13.65 10.01 12.38
CA TYR B 72 14.78 10.90 12.18
C TYR B 72 16.01 10.38 12.92
N ALA B 73 15.80 9.81 14.09
CA ALA B 73 16.89 9.22 14.86
C ALA B 73 17.45 7.99 14.14
N PHE B 74 16.54 7.18 13.60
CA PHE B 74 16.96 5.96 12.86
C PHE B 74 17.77 6.38 11.63
N GLN B 75 17.48 7.55 11.08
CA GLN B 75 18.22 8.05 9.88
C GLN B 75 19.60 8.54 10.32
N TYR B 76 19.68 9.27 11.44
CA TYR B 76 20.95 9.77 11.94
C TYR B 76 21.93 8.64 12.10
N VAL B 77 21.50 7.56 12.72
CA VAL B 77 22.42 6.45 12.94
C VAL B 77 22.95 5.95 11.61
N GLN B 78 22.08 5.89 10.59
CA GLN B 78 22.53 5.47 9.27
C GLN B 78 23.50 6.48 8.69
N ASP B 79 23.09 7.75 8.61
CA ASP B 79 23.96 8.79 8.04
C ASP B 79 25.30 8.87 8.77
N ASN B 80 25.27 8.71 10.09
CA ASN B 80 26.44 8.91 10.94
C ASN B 80 27.38 7.71 10.94
N GLY B 81 26.88 6.55 10.55
CA GLY B 81 27.69 5.35 10.68
C GLY B 81 27.78 4.75 12.06
N GLY B 82 26.98 5.22 13.01
CA GLY B 82 27.03 4.60 14.30
C GLY B 82 26.26 5.40 15.35
N LEU B 83 26.30 4.89 16.58
CA LEU B 83 25.65 5.53 17.73
C LEU B 83 26.40 5.05 18.96
N ASP B 84 26.75 5.97 19.84
CA ASP B 84 27.53 5.61 21.02
C ASP B 84 26.65 4.93 22.06
N SER B 85 27.30 4.19 22.96
CA SER B 85 26.65 3.58 24.12
C SER B 85 26.22 4.61 25.15
N GLU B 86 25.16 4.25 25.89
CA GLU B 86 24.71 5.02 27.05
C GLU B 86 25.87 5.28 27.99
N GLU B 87 26.63 4.22 28.27
CA GLU B 87 27.81 4.31 29.14
C GLU B 87 28.79 5.37 28.67
N SER B 88 29.07 5.42 27.37
CA SER B 88 30.11 6.31 26.83
C SER B 88 29.63 7.76 26.65
N TYR B 89 28.33 7.98 26.59
CA TYR B 89 27.78 9.29 26.22
C TYR B 89 26.54 9.48 27.09
N PRO B 90 26.73 9.75 28.39
CA PRO B 90 25.63 9.68 29.33
C PRO B 90 24.59 10.77 29.10
N TYR B 91 23.41 10.56 29.69
CA TYR B 91 22.28 11.45 29.45
C TYR B 91 22.29 12.63 30.42
N GLU B 92 22.13 13.82 29.88
CA GLU B 92 22.23 15.07 30.61
C GLU B 92 20.90 15.81 30.72
N ALA B 93 19.89 15.42 29.94
CA ALA B 93 18.56 16.03 29.97
C ALA B 93 18.59 17.50 29.54
N THR B 94 19.52 17.87 28.67
CA THR B 94 19.51 19.19 28.05
C THR B 94 20.34 19.09 26.77
N GLU B 95 20.02 19.92 25.78
CA GLU B 95 20.72 19.81 24.51
C GLU B 95 22.11 20.44 24.63
N GLU B 96 23.14 19.75 24.14
CA GLU B 96 24.49 20.28 24.07
C GLU B 96 25.03 20.05 22.66
N SER B 97 26.24 20.53 22.43
CA SER B 97 26.86 20.29 21.15
C SER B 97 27.24 18.82 21.03
N CYS B 98 27.38 18.38 19.79
CA CYS B 98 27.56 16.97 19.49
C CYS B 98 28.96 16.50 19.91
N LYS B 99 28.99 15.43 20.68
CA LYS B 99 30.25 14.84 21.16
C LYS B 99 30.40 13.39 20.72
N TYR B 100 29.73 13.00 19.66
CA TYR B 100 29.82 11.63 19.12
C TYR B 100 31.28 11.26 18.84
N ASN B 101 31.65 10.06 19.23
CA ASN B 101 32.98 9.53 19.01
C ASN B 101 32.84 8.14 18.42
N PRO B 102 33.22 7.92 17.16
CA PRO B 102 33.02 6.60 16.54
C PRO B 102 33.70 5.49 17.30
N LYS B 103 34.75 5.78 18.07
CA LYS B 103 35.40 4.68 18.77
C LYS B 103 34.47 4.01 19.76
N TYR B 104 33.43 4.70 20.23
CA TYR B 104 32.49 4.13 21.19
C TYR B 104 31.14 3.77 20.57
N SER B 105 31.06 3.73 19.24
CA SER B 105 29.83 3.27 18.59
C SER B 105 29.57 1.80 18.90
N VAL B 106 28.32 1.46 19.21
CA VAL B 106 27.94 0.08 19.48
C VAL B 106 26.73 -0.33 18.65
N ALA B 107 26.21 0.55 17.81
CA ALA B 107 25.02 0.26 17.03
C ALA B 107 25.12 0.95 15.67
N ASN B 108 24.30 0.45 14.75
N ASN B 108 24.37 0.41 14.71
CA ASN B 108 24.31 0.86 13.37
CA ASN B 108 24.27 0.98 13.39
C ASN B 108 22.95 0.47 12.81
C ASN B 108 22.98 0.46 12.78
N ASP B 109 22.54 1.11 11.71
CA ASP B 109 21.38 0.63 11.00
C ASP B 109 21.50 1.07 9.56
N ALA B 110 20.59 0.54 8.75
CA ALA B 110 20.57 0.89 7.34
C ALA B 110 19.17 1.32 6.97
N GLY B 111 18.66 2.28 7.72
CA GLY B 111 17.36 2.85 7.47
C GLY B 111 16.34 2.43 8.50
N PHE B 112 15.07 2.51 8.11
CA PHE B 112 14.01 2.17 9.03
C PHE B 112 12.83 1.70 8.22
N VAL B 113 11.88 1.09 8.92
CA VAL B 113 10.64 0.55 8.37
C VAL B 113 9.49 1.26 9.08
N ASP B 114 8.59 1.87 8.31
CA ASP B 114 7.34 2.38 8.84
C ASP B 114 6.30 1.29 8.64
N ILE B 115 5.68 0.83 9.71
CA ILE B 115 4.68 -0.23 9.67
C ILE B 115 3.35 0.36 9.20
N PRO B 116 2.58 -0.34 8.37
CA PRO B 116 1.29 0.22 7.93
C PRO B 116 0.39 0.51 9.13
N LYS B 117 -0.51 1.47 8.95
CA LYS B 117 -1.42 1.97 10.02
C LYS B 117 -2.49 0.94 10.41
N GLN B 118 -2.12 -0.26 10.84
CA GLN B 118 -3.11 -1.20 11.32
C GLN B 118 -2.60 -1.90 12.57
N GLU B 119 -3.48 -2.06 13.56
CA GLU B 119 -3.05 -2.79 14.74
C GLU B 119 -2.67 -4.24 14.43
N LYS B 120 -3.31 -4.86 13.46
CA LYS B 120 -2.94 -6.23 13.08
C LYS B 120 -1.52 -6.20 12.53
N ALA B 121 -1.20 -5.22 11.74
CA ALA B 121 0.19 -5.08 11.25
C ALA B 121 1.15 -4.83 12.41
N LEU B 122 0.77 -3.97 13.36
CA LEU B 122 1.65 -3.74 14.50
C LEU B 122 1.83 -5.03 15.28
N MET B 123 0.75 -5.80 15.48
CA MET B 123 0.90 -7.03 16.26
C MET B 123 1.85 -8.00 15.56
N LYS B 124 1.77 -8.12 14.25
CA LYS B 124 2.72 -9.02 13.53
C LYS B 124 4.15 -8.49 13.66
N ALA B 125 4.34 -7.18 13.62
CA ALA B 125 5.70 -6.68 13.76
C ALA B 125 6.22 -6.96 15.15
N VAL B 126 5.40 -6.70 16.18
CA VAL B 126 5.82 -6.98 17.54
C VAL B 126 6.17 -8.47 17.68
N ALA B 127 5.41 -9.35 17.02
CA ALA B 127 5.62 -10.78 17.20
C ALA B 127 6.89 -11.25 16.51
N THR B 128 7.26 -10.61 15.43
CA THR B 128 8.27 -11.21 14.58
C THR B 128 9.52 -10.35 14.44
N VAL B 129 9.48 -9.09 14.87
CA VAL B 129 10.59 -8.17 14.74
C VAL B 129 11.27 -7.91 16.09
N GLY B 130 10.47 -7.58 17.10
CA GLY B 130 11.02 -7.22 18.39
C GLY B 130 10.30 -5.96 18.87
N PRO B 131 10.87 -5.25 19.84
CA PRO B 131 10.23 -4.01 20.30
C PRO B 131 10.08 -2.99 19.18
N ILE B 132 8.98 -2.25 19.21
CA ILE B 132 8.60 -1.36 18.12
C ILE B 132 8.42 0.05 18.67
N SER B 133 9.04 1.05 18.01
CA SER B 133 8.77 2.44 18.36
C SER B 133 7.36 2.85 17.94
N VAL B 134 6.63 3.54 18.82
CA VAL B 134 5.33 4.07 18.46
C VAL B 134 5.19 5.47 19.03
N ALA B 135 4.26 6.21 18.45
CA ALA B 135 3.81 7.49 18.98
C ALA B 135 2.39 7.31 19.48
N ILE B 136 2.09 7.88 20.62
CA ILE B 136 0.71 7.79 21.17
C ILE B 136 0.25 9.18 21.64
N ASP B 137 -1.03 9.31 21.79
CA ASP B 137 -1.62 10.51 22.37
C ASP B 137 -1.56 10.27 23.88
N ALA B 138 -0.57 10.87 24.54
CA ALA B 138 -0.42 10.79 25.99
C ALA B 138 -0.81 12.11 26.66
N GLY B 139 -1.45 13.00 25.91
CA GLY B 139 -1.72 14.35 26.38
C GLY B 139 -2.97 14.44 27.24
N HIS B 140 -3.12 13.48 28.15
CA HIS B 140 -4.24 13.49 29.09
C HIS B 140 -3.71 13.25 30.50
N GLU B 141 -4.34 13.83 31.50
CA GLU B 141 -3.82 13.59 32.87
C GLU B 141 -4.02 12.13 33.25
N SER B 142 -5.06 11.48 32.76
CA SER B 142 -5.19 10.05 33.01
C SER B 142 -3.90 9.30 32.66
N PHE B 143 -3.20 9.74 31.63
CA PHE B 143 -1.90 9.11 31.29
C PHE B 143 -0.82 9.54 32.30
N LEU B 144 -0.74 10.81 32.65
CA LEU B 144 0.24 11.25 33.65
C LEU B 144 0.10 10.46 34.95
N PHE B 145 -1.14 10.17 35.37
CA PHE B 145 -1.46 9.58 36.66
C PHE B 145 -1.58 8.07 36.59
N TYR B 146 -1.27 7.46 35.43
CA TYR B 146 -1.47 6.03 35.29
C TYR B 146 -0.61 5.26 36.31
N LYS B 147 -1.20 4.30 36.93
CA LYS B 147 -0.48 3.51 37.96
C LYS B 147 -0.56 2.03 37.61
N GLU B 148 -1.72 1.49 37.30
CA GLU B 148 -1.89 0.06 36.97
C GLU B 148 -3.14 -0.16 36.09
N GLY B 149 -3.29 -1.34 35.52
CA GLY B 149 -4.46 -1.68 34.73
C GLY B 149 -4.30 -1.44 33.23
N ILE B 150 -5.38 -1.71 32.49
CA ILE B 150 -5.42 -1.52 31.04
C ILE B 150 -5.85 -0.09 30.76
N TYR B 151 -4.92 0.72 30.25
CA TYR B 151 -5.18 2.13 30.01
C TYR B 151 -6.15 2.33 28.86
N PHE B 152 -7.25 3.02 29.13
CA PHE B 152 -8.17 3.43 28.10
C PHE B 152 -8.67 4.83 28.47
N GLU B 153 -8.49 5.78 27.56
CA GLU B 153 -8.85 7.18 27.76
C GLU B 153 -9.91 7.54 26.73
N PRO B 154 -11.15 7.81 27.13
CA PRO B 154 -12.22 8.06 26.15
C PRO B 154 -11.94 9.22 25.21
N ASP B 155 -11.17 10.21 25.65
CA ASP B 155 -10.79 11.38 24.88
C ASP B 155 -9.50 11.19 24.11
N CYS B 156 -8.98 9.97 24.03
CA CYS B 156 -7.72 9.75 23.31
C CYS B 156 -7.93 9.90 21.82
N SER B 157 -6.96 10.52 21.13
CA SER B 157 -7.02 10.65 19.68
C SER B 157 -6.20 9.54 19.01
N SER B 158 -6.72 9.02 17.89
CA SER B 158 -6.03 7.99 17.13
C SER B 158 -5.15 8.58 16.05
N GLU B 159 -5.23 9.90 15.84
CA GLU B 159 -4.55 10.61 14.77
C GLU B 159 -3.50 11.57 15.26
N ASP B 160 -3.72 12.26 16.38
CA ASP B 160 -2.76 13.26 16.86
C ASP B 160 -2.00 12.72 18.06
N MET B 161 -0.77 12.27 17.84
CA MET B 161 0.04 11.70 18.90
C MET B 161 1.12 12.69 19.28
N ASP B 162 1.53 12.68 20.54
CA ASP B 162 2.49 13.67 21.03
C ASP B 162 3.66 13.08 21.81
N HIS B 163 3.80 11.76 21.85
CA HIS B 163 4.70 11.10 22.78
C HIS B 163 5.21 9.81 22.17
N GLY B 164 6.53 9.65 22.12
CA GLY B 164 7.15 8.44 21.59
C GLY B 164 7.46 7.47 22.72
N VAL B 165 7.07 6.21 22.53
CA VAL B 165 7.27 5.14 23.52
C VAL B 165 7.63 3.85 22.77
N LEU B 166 7.64 2.71 23.47
CA LEU B 166 8.19 1.48 22.91
C LEU B 166 7.28 0.30 23.25
N VAL B 167 6.68 -0.32 22.23
CA VAL B 167 5.87 -1.52 22.46
C VAL B 167 6.82 -2.70 22.62
N VAL B 168 6.80 -3.35 23.79
CA VAL B 168 7.69 -4.50 23.97
C VAL B 168 6.95 -5.81 24.02
N GLY B 169 5.64 -5.79 23.82
CA GLY B 169 4.85 -7.01 23.88
C GLY B 169 3.38 -6.70 23.81
N TYR B 170 2.58 -7.75 23.96
CA TYR B 170 1.13 -7.59 24.04
C TYR B 170 0.59 -8.81 24.76
N GLY B 171 -0.64 -8.68 25.24
CA GLY B 171 -1.21 -9.67 26.12
C GLY B 171 -2.71 -9.60 26.11
N PHE B 172 -3.30 -10.40 26.99
CA PHE B 172 -4.74 -10.58 27.00
C PHE B 172 -5.21 -10.70 28.44
N GLU B 173 -6.51 -10.53 28.61
CA GLU B 173 -7.16 -10.70 29.90
C GLU B 173 -7.32 -12.18 30.28
N SER B 174 -7.79 -13.00 29.34
CA SER B 174 -7.80 -14.46 29.50
C SER B 174 -7.75 -15.10 28.12
N THR B 175 -7.37 -16.37 28.11
CA THR B 175 -7.14 -17.08 26.85
C THR B 175 -8.31 -16.94 25.89
N GLU B 176 -9.52 -16.74 26.41
CA GLU B 176 -10.70 -16.78 25.57
C GLU B 176 -11.47 -15.47 25.51
N SER B 177 -11.05 -14.45 26.23
CA SER B 177 -11.72 -13.16 26.14
C SER B 177 -11.07 -12.30 25.05
N ASP B 178 -11.90 -11.64 24.24
CA ASP B 178 -11.41 -10.60 23.35
C ASP B 178 -11.27 -9.28 24.07
N ASN B 179 -11.76 -9.21 25.31
CA ASN B 179 -11.83 -7.95 26.03
C ASN B 179 -10.51 -7.66 26.71
N ASN B 180 -10.19 -6.37 26.78
CA ASN B 180 -9.04 -5.90 27.55
C ASN B 180 -7.76 -6.61 27.13
N LYS B 181 -7.59 -6.72 25.82
CA LYS B 181 -6.26 -7.01 25.31
C LYS B 181 -5.41 -5.77 25.53
N TYR B 182 -4.08 -5.95 25.60
CA TYR B 182 -3.27 -4.76 25.79
C TYR B 182 -1.96 -4.84 25.01
N TRP B 183 -1.42 -3.66 24.74
CA TRP B 183 -0.05 -3.51 24.29
C TRP B 183 0.79 -3.25 25.53
N LEU B 184 1.92 -3.93 25.65
CA LEU B 184 2.82 -3.71 26.77
C LEU B 184 3.82 -2.63 26.38
N VAL B 185 3.78 -1.49 27.04
CA VAL B 185 4.48 -0.31 26.52
C VAL B 185 5.49 0.17 27.56
N LYS B 186 6.72 0.38 27.14
CA LYS B 186 7.78 0.96 27.96
C LYS B 186 7.79 2.47 27.75
N ASN B 187 7.60 3.21 28.85
CA ASN B 187 7.70 4.67 28.82
C ASN B 187 9.10 5.09 29.26
N SER B 188 9.39 6.39 29.18
CA SER B 188 10.71 6.93 29.54
C SER B 188 10.58 7.96 30.66
N TRP B 189 9.67 7.69 31.59
CA TRP B 189 9.40 8.61 32.68
C TRP B 189 9.88 8.05 34.02
N GLY B 190 10.83 7.11 34.00
CA GLY B 190 11.33 6.51 35.22
C GLY B 190 10.42 5.40 35.71
N GLU B 191 10.91 4.62 36.67
CA GLU B 191 10.17 3.41 37.07
C GLU B 191 9.13 3.67 38.14
N GLU B 192 9.06 4.87 38.63
CA GLU B 192 8.07 5.28 39.64
C GLU B 192 6.73 5.52 38.93
N TRP B 193 6.75 5.94 37.69
CA TRP B 193 5.53 6.16 36.93
C TRP B 193 4.94 4.82 36.50
N GLY B 194 3.63 4.73 36.54
CA GLY B 194 2.94 3.55 36.05
C GLY B 194 3.40 2.27 36.76
N MET B 195 3.43 1.18 35.98
CA MET B 195 3.79 -0.16 36.44
C MET B 195 5.29 -0.36 36.27
N GLY B 196 6.05 0.13 37.24
CA GLY B 196 7.49 0.01 37.05
C GLY B 196 7.95 0.74 35.80
N GLY B 197 7.21 1.77 35.37
CA GLY B 197 7.54 2.52 34.16
C GLY B 197 6.88 2.01 32.90
N TYR B 198 6.06 0.98 33.02
CA TYR B 198 5.35 0.38 31.91
C TYR B 198 3.88 0.75 32.01
N VAL B 199 3.19 0.65 30.88
CA VAL B 199 1.76 0.89 30.83
C VAL B 199 1.16 -0.16 29.92
N LYS B 200 0.02 -0.69 30.30
CA LYS B 200 -0.73 -1.60 29.43
C LYS B 200 -1.78 -0.77 28.69
N MET B 201 -1.57 -0.56 27.39
N MET B 201 -1.54 -0.55 27.39
CA MET B 201 -2.47 0.28 26.60
CA MET B 201 -2.42 0.25 26.53
C MET B 201 -3.44 -0.58 25.81
C MET B 201 -3.46 -0.65 25.86
N ALA B 202 -4.71 -0.19 25.84
CA ALA B 202 -5.77 -0.94 25.18
C ALA B 202 -5.38 -1.28 23.75
N LYS B 203 -5.55 -2.55 23.41
CA LYS B 203 -5.18 -3.16 22.14
C LYS B 203 -6.46 -3.61 21.43
N ASP B 204 -6.52 -3.36 20.13
CA ASP B 204 -7.63 -3.75 19.27
C ASP B 204 -8.92 -3.05 19.67
N ARG B 205 -8.81 -1.81 20.14
CA ARG B 205 -9.96 -0.94 20.41
C ARG B 205 -9.82 0.30 19.55
N ARG B 206 -10.04 0.13 18.25
CA ARG B 206 -10.03 1.22 17.28
C ARG B 206 -8.73 2.02 17.35
N ASN B 207 -7.60 1.30 17.37
CA ASN B 207 -6.29 1.94 17.34
C ASN B 207 -6.20 3.01 18.44
N HIS B 208 -6.50 2.62 19.67
CA HIS B 208 -6.63 3.56 20.78
C HIS B 208 -5.33 4.35 21.03
N CYS B 209 -5.47 5.67 21.15
CA CYS B 209 -4.39 6.65 21.35
C CYS B 209 -3.43 6.67 20.19
N GLY B 210 -3.81 6.04 19.06
CA GLY B 210 -3.02 6.14 17.86
C GLY B 210 -1.79 5.28 17.87
N ILE B 211 -1.77 4.26 18.71
CA ILE B 211 -0.54 3.50 18.91
C ILE B 211 -0.05 2.84 17.61
N ALA B 212 -0.95 2.56 16.66
CA ALA B 212 -0.53 1.95 15.41
C ALA B 212 -0.39 2.95 14.30
N SER B 213 -0.52 4.23 14.60
CA SER B 213 -0.54 5.25 13.57
C SER B 213 0.86 5.69 13.12
N ALA B 214 1.89 5.51 13.93
CA ALA B 214 3.23 5.95 13.55
C ALA B 214 4.23 4.99 14.18
N ALA B 215 4.09 3.69 13.86
CA ALA B 215 4.95 2.67 14.42
C ALA B 215 6.11 2.40 13.45
N SER B 216 7.32 2.22 13.97
CA SER B 216 8.47 2.00 13.09
C SER B 216 9.58 1.30 13.88
N TYR B 217 10.60 0.84 13.16
CA TYR B 217 11.78 0.26 13.79
C TYR B 217 12.94 0.38 12.83
N PRO B 218 14.18 0.30 13.33
CA PRO B 218 15.32 0.49 12.43
C PRO B 218 15.63 -0.81 11.70
N THR B 219 16.18 -0.63 10.49
CA THR B 219 16.61 -1.71 9.62
C THR B 219 18.01 -2.14 10.07
N VAL B 220 18.12 -3.31 10.65
CA VAL B 220 19.43 -3.79 11.12
C VAL B 220 19.76 -5.15 10.48
N ALA C 1 -32.24 -0.12 -21.11
CA ALA C 1 -31.38 0.46 -20.09
C ALA C 1 -30.44 1.46 -20.75
N PRO C 2 -29.76 2.29 -19.95
CA PRO C 2 -28.72 3.17 -20.51
C PRO C 2 -27.58 2.37 -21.13
N ARG C 3 -26.81 3.04 -22.01
CA ARG C 3 -25.71 2.34 -22.69
C ARG C 3 -24.49 2.20 -21.79
N SER C 4 -24.32 3.11 -20.83
CA SER C 4 -23.32 2.93 -19.78
C SER C 4 -23.85 3.46 -18.46
N VAL C 5 -23.35 2.86 -17.37
CA VAL C 5 -23.79 3.16 -16.01
C VAL C 5 -22.54 3.19 -15.13
N ASP C 6 -22.43 4.22 -14.26
CA ASP C 6 -21.35 4.27 -13.23
C ASP C 6 -21.89 4.84 -11.92
N TRP C 7 -22.26 3.99 -10.99
CA TRP C 7 -22.89 4.45 -9.72
C TRP C 7 -21.94 5.33 -8.91
N ARG C 8 -20.66 5.21 -9.14
CA ARG C 8 -19.72 6.05 -8.41
C ARG C 8 -20.02 7.52 -8.68
N GLU C 9 -20.33 7.86 -9.93
CA GLU C 9 -20.63 9.25 -10.27
C GLU C 9 -21.89 9.75 -9.58
N LYS C 10 -22.81 8.86 -9.18
CA LYS C 10 -24.01 9.28 -8.46
C LYS C 10 -23.85 9.24 -6.93
N GLY C 11 -22.68 8.87 -6.41
CA GLY C 11 -22.45 8.92 -4.99
C GLY C 11 -22.82 7.67 -4.24
N TYR C 12 -23.02 6.54 -4.92
CA TYR C 12 -23.49 5.31 -4.28
C TYR C 12 -22.38 4.47 -3.67
N VAL C 13 -21.10 4.79 -3.91
CA VAL C 13 -20.01 3.83 -3.71
C VAL C 13 -18.95 4.44 -2.79
N THR C 14 -18.59 3.74 -1.73
CA THR C 14 -17.51 4.16 -0.85
C THR C 14 -16.15 3.87 -1.49
N PRO C 15 -15.07 4.39 -0.90
CA PRO C 15 -13.72 4.06 -1.41
C PRO C 15 -13.46 2.57 -1.36
N VAL C 16 -12.45 2.15 -2.13
CA VAL C 16 -12.01 0.74 -2.15
C VAL C 16 -11.42 0.35 -0.80
N LYS C 17 -11.78 -0.84 -0.32
CA LYS C 17 -11.30 -1.37 0.95
C LYS C 17 -10.36 -2.53 0.69
N ASN C 18 -9.73 -3.03 1.75
CA ASN C 18 -8.85 -4.17 1.62
C ASN C 18 -9.24 -5.23 2.64
N GLN C 19 -9.71 -6.38 2.16
CA GLN C 19 -10.07 -7.46 3.06
C GLN C 19 -8.85 -8.13 3.68
N GLY C 20 -7.64 -7.81 3.19
CA GLY C 20 -6.43 -8.37 3.77
C GLY C 20 -6.37 -9.86 3.54
N GLN C 21 -5.69 -10.55 4.46
CA GLN C 21 -5.50 -12.02 4.39
C GLN C 21 -6.60 -12.75 5.15
N CYS C 22 -7.84 -12.43 4.84
CA CYS C 22 -9.02 -13.05 5.43
C CYS C 22 -9.99 -13.29 4.29
N GLY C 23 -10.52 -14.49 4.20
CA GLY C 23 -11.44 -14.80 3.13
C GLY C 23 -12.84 -14.23 3.37
N SER C 24 -12.90 -12.92 3.57
CA SER C 24 -14.16 -12.25 3.88
C SER C 24 -14.72 -11.48 2.69
N CYS C 25 -14.36 -11.86 1.46
CA CYS C 25 -14.80 -11.10 0.30
C CYS C 25 -16.31 -10.94 0.31
N TRP C 26 -16.99 -11.95 0.79
CA TRP C 26 -18.48 -11.93 0.86
C TRP C 26 -18.98 -10.74 1.67
N ALA C 27 -18.32 -10.39 2.75
CA ALA C 27 -18.78 -9.30 3.59
C ALA C 27 -18.50 -7.94 2.98
N PHE C 28 -17.42 -7.83 2.18
CA PHE C 28 -17.16 -6.57 1.48
C PHE C 28 -18.14 -6.37 0.32
N SER C 29 -18.46 -7.44 -0.40
CA SER C 29 -19.51 -7.34 -1.42
C SER C 29 -20.84 -6.94 -0.80
N ALA C 30 -21.16 -7.53 0.36
CA ALA C 30 -22.43 -7.24 1.00
C ALA C 30 -22.50 -5.80 1.50
N THR C 31 -21.49 -5.33 2.23
CA THR C 31 -21.56 -3.93 2.66
C THR C 31 -21.61 -3.00 1.46
N GLY C 32 -20.89 -3.34 0.39
CA GLY C 32 -20.92 -2.54 -0.84
C GLY C 32 -22.33 -2.37 -1.39
N ALA C 33 -23.05 -3.48 -1.51
CA ALA C 33 -24.41 -3.40 -2.01
C ALA C 33 -25.30 -2.64 -1.04
N LEU C 34 -25.14 -2.88 0.27
CA LEU C 34 -25.98 -2.23 1.27
C LEU C 34 -25.67 -0.73 1.37
N GLU C 35 -24.38 -0.35 1.35
CA GLU C 35 -24.01 1.06 1.25
C GLU C 35 -24.75 1.75 0.10
N GLY C 36 -24.81 1.09 -1.06
CA GLY C 36 -25.47 1.67 -2.21
C GLY C 36 -26.98 1.80 -2.02
N GLN C 37 -27.60 0.74 -1.50
CA GLN C 37 -29.05 0.76 -1.30
C GLN C 37 -29.42 1.72 -0.16
N MET C 38 -28.59 1.80 0.89
CA MET C 38 -28.83 2.80 1.93
C MET C 38 -28.72 4.22 1.39
N PHE C 39 -27.75 4.47 0.52
CA PHE C 39 -27.64 5.79 -0.07
C PHE C 39 -28.83 6.06 -0.98
N ARG C 40 -29.21 5.07 -1.76
CA ARG C 40 -30.43 5.20 -2.57
C ARG C 40 -31.61 5.63 -1.70
N LYS C 41 -31.70 5.07 -0.49
CA LYS C 41 -32.87 5.30 0.36
C LYS C 41 -32.81 6.64 1.11
N THR C 42 -31.63 7.02 1.61
CA THR C 42 -31.48 8.16 2.51
C THR C 42 -30.71 9.32 1.93
N GLY C 43 -29.93 9.10 0.88
CA GLY C 43 -29.00 10.12 0.46
C GLY C 43 -27.76 10.25 1.31
N ARG C 44 -27.55 9.37 2.29
CA ARG C 44 -26.32 9.36 3.06
C ARG C 44 -25.48 8.18 2.63
N LEU C 45 -24.20 8.42 2.34
CA LEU C 45 -23.23 7.37 2.07
C LEU C 45 -22.43 7.14 3.34
N ILE C 46 -22.58 5.97 3.95
CA ILE C 46 -21.89 5.65 5.19
C ILE C 46 -21.20 4.28 5.03
N SER C 47 -19.88 4.25 5.21
CA SER C 47 -19.18 2.98 5.16
C SER C 47 -19.62 2.06 6.30
N LEU C 48 -19.93 0.81 5.97
CA LEU C 48 -20.49 -0.18 6.88
C LEU C 48 -19.46 -1.24 7.28
N SER C 49 -19.75 -1.92 8.39
CA SER C 49 -18.77 -2.76 9.08
C SER C 49 -18.75 -4.18 8.50
N GLU C 50 -17.67 -4.52 7.79
CA GLU C 50 -17.47 -5.92 7.41
C GLU C 50 -17.21 -6.76 8.64
N GLN C 51 -16.53 -6.20 9.64
CA GLN C 51 -16.21 -6.97 10.84
C GLN C 51 -17.48 -7.41 11.51
N ASN C 52 -18.45 -6.52 11.52
CA ASN C 52 -19.77 -6.83 12.12
C ASN C 52 -20.32 -8.12 11.46
N LEU C 53 -20.25 -8.20 10.16
CA LEU C 53 -20.73 -9.39 9.45
C LEU C 53 -19.88 -10.59 9.75
N VAL C 54 -18.55 -10.40 9.71
CA VAL C 54 -17.62 -11.52 9.92
C VAL C 54 -17.88 -12.17 11.29
N ASP C 55 -18.04 -11.33 12.32
CA ASP C 55 -18.20 -11.81 13.69
C ASP C 55 -19.60 -12.34 13.99
N CYS C 56 -20.63 -11.87 13.29
CA CYS C 56 -21.98 -11.99 13.82
C CYS C 56 -22.92 -12.80 12.95
N SER C 57 -22.61 -13.02 11.66
CA SER C 57 -23.58 -13.63 10.77
C SER C 57 -23.36 -15.13 10.64
N GLY C 58 -22.66 -15.73 11.58
CA GLY C 58 -22.59 -17.18 11.64
C GLY C 58 -23.95 -17.89 11.58
N PRO C 59 -24.91 -17.48 12.42
CA PRO C 59 -26.21 -18.19 12.44
C PRO C 59 -26.94 -18.14 11.11
N GLN C 60 -26.58 -17.20 10.23
CA GLN C 60 -27.19 -17.14 8.91
C GLN C 60 -26.46 -18.03 7.90
N GLY C 61 -25.35 -18.65 8.28
CA GLY C 61 -24.64 -19.58 7.44
C GLY C 61 -23.27 -19.09 7.00
N ASN C 62 -22.83 -17.91 7.40
CA ASN C 62 -21.51 -17.41 7.03
C ASN C 62 -20.44 -17.97 7.95
N GLU C 63 -19.22 -18.03 7.43
CA GLU C 63 -18.13 -18.66 8.16
C GLU C 63 -16.94 -17.73 8.24
N GLY C 64 -17.21 -16.44 8.47
CA GLY C 64 -16.14 -15.51 8.79
C GLY C 64 -15.06 -15.47 7.70
N CYS C 65 -13.79 -15.58 8.14
CA CYS C 65 -12.67 -15.63 7.20
C CYS C 65 -12.64 -16.92 6.39
N ASN C 66 -13.48 -17.91 6.67
CA ASN C 66 -13.55 -19.13 5.89
C ASN C 66 -14.64 -19.12 4.85
N GLY C 67 -15.15 -17.98 4.47
CA GLY C 67 -16.13 -17.95 3.39
C GLY C 67 -17.52 -17.62 3.88
N GLY C 68 -18.37 -17.21 2.94
CA GLY C 68 -19.76 -16.86 3.24
C GLY C 68 -20.53 -16.51 1.99
N LEU C 69 -21.75 -16.00 2.11
CA LEU C 69 -22.57 -15.64 0.93
C LEU C 69 -23.25 -14.28 1.17
N MET C 70 -23.11 -13.33 0.26
CA MET C 70 -23.71 -12.02 0.42
C MET C 70 -25.15 -12.15 0.91
N ASP C 71 -25.91 -13.12 0.39
CA ASP C 71 -27.30 -13.26 0.80
C ASP C 71 -27.42 -13.54 2.29
N TYR C 72 -26.52 -14.37 2.82
CA TYR C 72 -26.56 -14.63 4.26
C TYR C 72 -26.25 -13.37 5.04
N ALA C 73 -25.33 -12.56 4.55
CA ALA C 73 -25.11 -11.27 5.17
C ALA C 73 -26.36 -10.40 5.15
N PHE C 74 -27.06 -10.37 4.03
CA PHE C 74 -28.29 -9.55 3.95
C PHE C 74 -29.31 -10.10 4.95
N GLN C 75 -29.39 -11.40 5.04
CA GLN C 75 -30.32 -12.04 5.98
C GLN C 75 -29.93 -11.65 7.42
N TYR C 76 -28.65 -11.62 7.73
CA TYR C 76 -28.26 -11.24 9.08
C TYR C 76 -28.76 -9.84 9.43
N VAL C 77 -28.47 -8.85 8.58
CA VAL C 77 -28.92 -7.49 8.87
C VAL C 77 -30.41 -7.48 9.17
N GLN C 78 -31.19 -8.23 8.38
CA GLN C 78 -32.62 -8.25 8.61
C GLN C 78 -32.91 -8.88 9.97
N ASP C 79 -32.33 -10.04 10.23
CA ASP C 79 -32.62 -10.77 11.46
C ASP C 79 -32.19 -9.96 12.67
N ASN C 80 -31.09 -9.22 12.52
CA ASN C 80 -30.47 -8.51 13.62
C ASN C 80 -31.10 -7.14 13.84
N GLY C 81 -31.82 -6.62 12.86
CA GLY C 81 -32.34 -5.28 12.92
C GLY C 81 -31.32 -4.16 12.75
N GLY C 82 -30.15 -4.42 12.18
CA GLY C 82 -29.18 -3.35 12.15
C GLY C 82 -27.82 -3.85 11.70
N LEU C 83 -26.98 -2.89 11.34
CA LEU C 83 -25.60 -3.14 10.98
C LEU C 83 -24.81 -1.93 11.41
N ASP C 84 -23.71 -2.15 12.12
CA ASP C 84 -22.92 -1.03 12.59
C ASP C 84 -22.10 -0.39 11.45
N SER C 85 -21.68 0.83 11.72
CA SER C 85 -20.86 1.54 10.75
C SER C 85 -19.42 1.02 10.79
N GLU C 86 -18.73 1.17 9.66
CA GLU C 86 -17.31 0.87 9.65
C GLU C 86 -16.58 1.60 10.77
N GLU C 87 -16.88 2.88 10.93
CA GLU C 87 -16.19 3.75 11.93
C GLU C 87 -16.38 3.22 13.36
N SER C 88 -17.55 2.70 13.70
CA SER C 88 -17.82 2.23 15.05
C SER C 88 -17.28 0.83 15.28
N TYR C 89 -17.10 0.05 14.22
CA TYR C 89 -16.79 -1.37 14.32
C TYR C 89 -15.83 -1.71 13.18
N PRO C 90 -14.59 -1.24 13.27
CA PRO C 90 -13.71 -1.29 12.11
C PRO C 90 -13.13 -2.68 11.88
N TYR C 91 -12.50 -2.83 10.72
CA TYR C 91 -12.13 -4.15 10.20
C TYR C 91 -10.85 -4.68 10.83
N GLU C 92 -10.89 -5.93 11.31
CA GLU C 92 -9.73 -6.56 11.95
C GLU C 92 -9.10 -7.69 11.14
N ALA C 93 -9.72 -8.10 10.04
CA ALA C 93 -9.15 -9.16 9.20
C ALA C 93 -8.97 -10.47 9.97
N THR C 94 -9.86 -10.75 10.92
CA THR C 94 -9.81 -11.96 11.72
C THR C 94 -11.14 -12.05 12.46
N GLU C 95 -11.68 -13.26 12.58
CA GLU C 95 -13.01 -13.46 13.17
C GLU C 95 -12.96 -13.49 14.68
N GLU C 96 -13.85 -12.73 15.31
CA GLU C 96 -13.93 -12.65 16.77
C GLU C 96 -15.38 -12.87 17.22
N SER C 97 -15.60 -12.81 18.52
CA SER C 97 -16.96 -12.83 18.99
C SER C 97 -17.65 -11.54 18.55
N CYS C 98 -18.98 -11.62 18.46
N CYS C 98 -18.97 -11.65 18.45
CA CYS C 98 -19.78 -10.54 17.93
CA CYS C 98 -19.79 -10.52 18.02
C CYS C 98 -19.84 -9.37 18.91
C CYS C 98 -19.61 -9.35 18.98
N LYS C 99 -19.55 -8.15 18.42
CA LYS C 99 -19.60 -6.93 19.23
C LYS C 99 -20.61 -5.93 18.70
N TYR C 100 -21.68 -6.42 18.07
CA TYR C 100 -22.71 -5.53 17.57
C TYR C 100 -23.28 -4.66 18.67
N ASN C 101 -23.39 -3.38 18.38
CA ASN C 101 -23.99 -2.41 19.27
C ASN C 101 -25.15 -1.73 18.56
N PRO C 102 -26.39 -1.99 18.97
CA PRO C 102 -27.53 -1.38 18.25
C PRO C 102 -27.46 0.12 18.25
N LYS C 103 -26.79 0.73 19.23
CA LYS C 103 -26.71 2.18 19.27
C LYS C 103 -25.95 2.76 18.09
N TYR C 104 -25.10 1.96 17.43
CA TYR C 104 -24.30 2.46 16.31
C TYR C 104 -24.76 1.89 14.98
N SER C 105 -25.94 1.30 14.91
CA SER C 105 -26.45 0.80 13.65
C SER C 105 -26.75 1.95 12.72
N VAL C 106 -26.29 1.87 11.48
CA VAL C 106 -26.58 2.90 10.50
C VAL C 106 -27.24 2.32 9.28
N ALA C 107 -27.60 1.05 9.30
CA ALA C 107 -28.18 0.45 8.12
C ALA C 107 -29.14 -0.65 8.51
N ASN C 108 -30.11 -0.88 7.64
CA ASN C 108 -31.05 -1.95 7.86
C ASN C 108 -31.40 -2.55 6.53
N ASP C 109 -31.99 -3.74 6.55
CA ASP C 109 -32.66 -4.20 5.35
C ASP C 109 -33.78 -5.17 5.71
N ALA C 110 -34.65 -5.37 4.74
CA ALA C 110 -35.87 -6.15 4.92
C ALA C 110 -35.82 -7.44 4.10
N GLY C 111 -34.61 -7.90 3.81
CA GLY C 111 -34.38 -9.06 2.98
C GLY C 111 -33.48 -8.74 1.80
N PHE C 112 -33.59 -9.55 0.76
CA PHE C 112 -32.71 -9.42 -0.40
C PHE C 112 -33.45 -9.94 -1.62
N VAL C 113 -32.89 -9.64 -2.78
CA VAL C 113 -33.42 -10.01 -4.08
C VAL C 113 -32.30 -10.68 -4.85
N ASP C 114 -32.54 -11.91 -5.31
CA ASP C 114 -31.63 -12.59 -6.21
C ASP C 114 -32.03 -12.35 -7.67
N ILE C 115 -31.04 -12.12 -8.52
CA ILE C 115 -31.30 -11.79 -9.92
C ILE C 115 -31.21 -13.09 -10.71
N PRO C 116 -32.12 -13.31 -11.67
CA PRO C 116 -31.99 -14.46 -12.56
C PRO C 116 -30.59 -14.55 -13.15
N LYS C 117 -30.17 -15.78 -13.44
CA LYS C 117 -28.79 -16.08 -13.83
C LYS C 117 -28.53 -15.77 -15.31
N GLN C 118 -28.69 -14.50 -15.69
CA GLN C 118 -28.42 -14.06 -17.05
C GLN C 118 -27.86 -12.64 -17.03
N GLU C 119 -26.98 -12.33 -17.99
CA GLU C 119 -26.35 -11.01 -17.99
C GLU C 119 -27.32 -9.91 -18.39
N LYS C 120 -28.33 -10.21 -19.22
CA LYS C 120 -29.36 -9.21 -19.52
C LYS C 120 -30.11 -8.80 -18.26
N ALA C 121 -30.43 -9.79 -17.41
CA ALA C 121 -31.07 -9.51 -16.13
C ALA C 121 -30.14 -8.71 -15.23
N LEU C 122 -28.87 -9.05 -15.21
CA LEU C 122 -27.96 -8.30 -14.37
C LEU C 122 -27.88 -6.87 -14.84
N MET C 123 -27.82 -6.67 -16.17
CA MET C 123 -27.75 -5.32 -16.69
C MET C 123 -28.93 -4.50 -16.21
N LYS C 124 -30.14 -5.05 -16.34
CA LYS C 124 -31.33 -4.35 -15.92
C LYS C 124 -31.28 -3.98 -14.44
N ALA C 125 -30.74 -4.89 -13.61
CA ALA C 125 -30.65 -4.60 -12.16
C ALA C 125 -29.62 -3.51 -11.88
N VAL C 126 -28.45 -3.61 -12.50
CA VAL C 126 -27.48 -2.55 -12.32
C VAL C 126 -28.07 -1.20 -12.76
N ALA C 127 -28.77 -1.19 -13.89
CA ALA C 127 -29.33 0.05 -14.41
C ALA C 127 -30.38 0.63 -13.47
N THR C 128 -31.17 -0.22 -12.81
CA THR C 128 -32.35 0.26 -12.10
C THR C 128 -32.24 0.26 -10.57
N VAL C 129 -31.29 -0.49 -10.01
CA VAL C 129 -31.22 -0.68 -8.57
C VAL C 129 -30.05 0.08 -7.97
N GLY C 130 -28.87 -0.05 -8.59
CA GLY C 130 -27.67 0.48 -8.01
C GLY C 130 -26.63 -0.62 -8.03
N PRO C 131 -25.56 -0.48 -7.26
CA PRO C 131 -24.54 -1.53 -7.23
C PRO C 131 -25.12 -2.87 -6.79
N ILE C 132 -24.57 -3.95 -7.35
CA ILE C 132 -25.12 -5.30 -7.22
C ILE C 132 -24.03 -6.24 -6.73
N SER C 133 -24.33 -7.07 -5.72
CA SER C 133 -23.40 -8.09 -5.29
C SER C 133 -23.32 -9.23 -6.32
N VAL C 134 -22.10 -9.70 -6.64
CA VAL C 134 -21.95 -10.83 -7.53
C VAL C 134 -20.78 -11.67 -7.06
N ALA C 135 -20.80 -12.94 -7.43
CA ALA C 135 -19.70 -13.85 -7.21
C ALA C 135 -19.08 -14.18 -8.56
N ILE C 136 -17.76 -14.29 -8.59
CA ILE C 136 -17.05 -14.55 -9.85
C ILE C 136 -16.02 -15.63 -9.61
N ASP C 137 -15.56 -16.22 -10.70
CA ASP C 137 -14.38 -17.09 -10.66
C ASP C 137 -13.16 -16.17 -10.71
N ALA C 138 -12.55 -15.91 -9.56
CA ALA C 138 -11.33 -15.11 -9.50
C ALA C 138 -10.09 -15.96 -9.31
N GLY C 139 -10.19 -17.27 -9.47
CA GLY C 139 -9.09 -18.13 -9.09
C GLY C 139 -8.08 -18.39 -10.20
N HIS C 140 -7.70 -17.35 -10.93
CA HIS C 140 -6.71 -17.43 -12.00
C HIS C 140 -5.63 -16.40 -11.75
N GLU C 141 -4.39 -16.68 -12.07
CA GLU C 141 -3.36 -15.68 -11.76
C GLU C 141 -3.59 -14.44 -12.61
N SER C 142 -4.26 -14.58 -13.73
CA SER C 142 -4.52 -13.41 -14.60
C SER C 142 -5.32 -12.41 -13.79
N PHE C 143 -6.22 -12.87 -12.95
CA PHE C 143 -7.00 -11.94 -12.15
C PHE C 143 -6.14 -11.34 -11.04
N LEU C 144 -5.27 -12.13 -10.41
CA LEU C 144 -4.38 -11.55 -9.40
C LEU C 144 -3.54 -10.42 -10.00
N PHE C 145 -3.09 -10.59 -11.23
CA PHE C 145 -2.13 -9.70 -11.86
C PHE C 145 -2.79 -8.56 -12.60
N TYR C 146 -4.11 -8.46 -12.54
CA TYR C 146 -4.84 -7.51 -13.37
C TYR C 146 -4.46 -6.08 -13.02
N LYS C 147 -4.28 -5.26 -14.06
CA LYS C 147 -3.86 -3.85 -13.94
C LYS C 147 -4.82 -2.91 -14.70
N GLU C 148 -5.08 -3.15 -15.96
CA GLU C 148 -5.91 -2.28 -16.79
C GLU C 148 -6.57 -3.12 -17.87
N GLY C 149 -7.63 -2.56 -18.48
CA GLY C 149 -8.26 -3.17 -19.64
C GLY C 149 -9.46 -4.05 -19.30
N ILE C 150 -9.98 -4.69 -20.34
CA ILE C 150 -11.14 -5.55 -20.18
C ILE C 150 -10.66 -6.96 -19.85
N TYR C 151 -10.85 -7.37 -18.60
CA TYR C 151 -10.39 -8.66 -18.15
C TYR C 151 -11.14 -9.76 -18.90
N PHE C 152 -10.40 -10.75 -19.38
CA PHE C 152 -11.01 -11.90 -20.01
C PHE C 152 -10.06 -13.07 -19.85
N GLU C 153 -10.54 -14.15 -19.26
CA GLU C 153 -9.72 -15.29 -18.86
C GLU C 153 -10.25 -16.52 -19.59
N PRO C 154 -9.57 -17.00 -20.63
CA PRO C 154 -10.05 -18.21 -21.34
C PRO C 154 -10.43 -19.35 -20.43
N ASP C 155 -9.74 -19.57 -19.32
CA ASP C 155 -10.01 -20.70 -18.43
C ASP C 155 -11.05 -20.38 -17.36
N CYS C 156 -11.69 -19.22 -17.41
CA CYS C 156 -12.63 -18.85 -16.34
C CYS C 156 -13.86 -19.76 -16.39
N SER C 157 -14.37 -20.13 -15.21
CA SER C 157 -15.55 -20.98 -15.11
C SER C 157 -16.79 -20.13 -14.86
N SER C 158 -17.89 -20.50 -15.52
CA SER C 158 -19.18 -19.87 -15.28
C SER C 158 -19.98 -20.54 -14.17
N GLU C 159 -19.45 -21.59 -13.55
CA GLU C 159 -20.18 -22.39 -12.60
C GLU C 159 -19.52 -22.47 -11.23
N ASP C 160 -18.21 -22.27 -11.13
CA ASP C 160 -17.44 -22.44 -9.89
C ASP C 160 -16.84 -21.11 -9.47
N MET C 161 -17.66 -20.25 -8.89
CA MET C 161 -17.22 -18.97 -8.39
C MET C 161 -16.65 -19.08 -6.97
N ASP C 162 -15.69 -18.21 -6.66
CA ASP C 162 -14.99 -18.25 -5.39
C ASP C 162 -14.77 -16.86 -4.81
N HIS C 163 -15.29 -15.81 -5.43
CA HIS C 163 -14.98 -14.47 -4.98
C HIS C 163 -16.19 -13.57 -5.15
N GLY C 164 -16.58 -12.89 -4.06
CA GLY C 164 -17.67 -11.96 -4.10
C GLY C 164 -17.15 -10.55 -4.31
N VAL C 165 -17.73 -9.85 -5.29
CA VAL C 165 -17.37 -8.46 -5.59
C VAL C 165 -18.65 -7.67 -5.86
N LEU C 166 -18.50 -6.47 -6.41
CA LEU C 166 -19.61 -5.51 -6.49
C LEU C 166 -19.62 -4.88 -7.86
N VAL C 167 -20.67 -5.13 -8.62
CA VAL C 167 -20.82 -4.49 -9.91
C VAL C 167 -21.36 -3.08 -9.67
N VAL C 168 -20.57 -2.07 -10.04
CA VAL C 168 -20.99 -0.68 -9.83
C VAL C 168 -21.41 -0.01 -11.14
N GLY C 169 -21.37 -0.73 -12.25
CA GLY C 169 -21.83 -0.18 -13.51
C GLY C 169 -21.40 -1.05 -14.67
N TYR C 170 -21.47 -0.46 -15.87
CA TYR C 170 -21.09 -1.21 -17.06
C TYR C 170 -20.88 -0.21 -18.17
N GLY C 171 -20.31 -0.70 -19.26
CA GLY C 171 -19.95 0.19 -20.35
C GLY C 171 -19.58 -0.58 -21.60
N PHE C 172 -19.10 0.16 -22.58
CA PHE C 172 -18.85 -0.40 -23.89
C PHE C 172 -17.49 0.09 -24.37
N GLU C 173 -17.01 -0.55 -25.41
CA GLU C 173 -15.75 -0.08 -25.97
C GLU C 173 -15.98 1.07 -26.95
N SER C 174 -16.98 0.95 -27.83
CA SER C 174 -17.38 2.01 -28.74
C SER C 174 -18.88 2.26 -28.77
N ASN C 179 -18.58 -4.91 -29.45
CA ASN C 179 -17.51 -5.74 -28.91
C ASN C 179 -16.97 -5.22 -27.59
N ASN C 180 -16.43 -6.14 -26.79
CA ASN C 180 -15.68 -5.76 -25.59
C ASN C 180 -16.52 -4.87 -24.67
N LYS C 181 -17.77 -5.24 -24.46
CA LYS C 181 -18.49 -4.56 -23.39
C LYS C 181 -17.95 -5.03 -22.05
N TYR C 182 -18.28 -4.29 -20.99
CA TYR C 182 -17.66 -4.64 -19.73
C TYR C 182 -18.54 -4.26 -18.54
N TRP C 183 -18.38 -5.06 -17.49
CA TRP C 183 -18.88 -4.77 -16.15
C TRP C 183 -17.82 -4.00 -15.37
N LEU C 184 -18.23 -2.92 -14.75
CA LEU C 184 -17.37 -2.16 -13.85
C LEU C 184 -17.48 -2.73 -12.44
N VAL C 185 -16.39 -3.29 -11.92
CA VAL C 185 -16.40 -4.13 -10.74
C VAL C 185 -15.46 -3.54 -9.68
N LYS C 186 -16.01 -3.30 -8.49
CA LYS C 186 -15.23 -2.90 -7.33
C LYS C 186 -14.78 -4.16 -6.60
N ASN C 187 -13.47 -4.28 -6.38
CA ASN C 187 -12.90 -5.39 -5.64
C ASN C 187 -12.57 -4.91 -4.23
N SER C 188 -12.12 -5.82 -3.38
CA SER C 188 -11.80 -5.52 -1.99
C SER C 188 -10.37 -5.92 -1.68
N TRP C 189 -9.47 -5.69 -2.63
CA TRP C 189 -8.07 -6.02 -2.50
C TRP C 189 -7.20 -4.76 -2.39
N GLY C 190 -7.79 -3.66 -1.95
CA GLY C 190 -7.09 -2.40 -1.88
C GLY C 190 -6.89 -1.73 -3.26
N GLU C 191 -6.32 -0.53 -3.19
CA GLU C 191 -6.22 0.39 -4.32
C GLU C 191 -5.10 0.03 -5.28
N GLU C 192 -4.12 -0.76 -4.81
CA GLU C 192 -2.99 -1.09 -5.67
C GLU C 192 -3.37 -2.12 -6.73
N TRP C 193 -4.26 -3.04 -6.40
CA TRP C 193 -4.73 -4.01 -7.36
C TRP C 193 -5.57 -3.33 -8.43
N GLY C 194 -5.43 -3.78 -9.68
CA GLY C 194 -6.29 -3.36 -10.78
C GLY C 194 -6.19 -1.87 -11.04
N MET C 195 -7.31 -1.30 -11.46
CA MET C 195 -7.38 0.11 -11.79
C MET C 195 -7.91 0.86 -10.57
N GLY C 196 -6.99 1.28 -9.70
CA GLY C 196 -7.41 1.84 -8.43
C GLY C 196 -8.31 0.93 -7.61
N GLY C 197 -8.18 -0.39 -7.75
CA GLY C 197 -9.03 -1.34 -7.05
C GLY C 197 -10.20 -1.86 -7.85
N TYR C 198 -10.40 -1.31 -9.04
CA TYR C 198 -11.49 -1.68 -9.92
C TYR C 198 -10.99 -2.57 -11.05
N VAL C 199 -11.93 -3.31 -11.64
CA VAL C 199 -11.62 -4.17 -12.80
C VAL C 199 -12.78 -4.05 -13.78
N LYS C 200 -12.46 -3.98 -15.08
CA LYS C 200 -13.47 -4.09 -16.11
C LYS C 200 -13.54 -5.56 -16.52
N MET C 201 -14.67 -6.19 -16.23
N MET C 201 -14.67 -6.21 -16.27
CA MET C 201 -14.88 -7.59 -16.58
CA MET C 201 -14.78 -7.62 -16.60
C MET C 201 -15.60 -7.68 -17.92
C MET C 201 -15.66 -7.79 -17.82
N ALA C 202 -15.20 -8.65 -18.73
CA ALA C 202 -15.91 -8.94 -19.98
C ALA C 202 -17.40 -9.16 -19.74
N LYS C 203 -18.19 -8.31 -20.40
CA LYS C 203 -19.64 -8.32 -20.34
C LYS C 203 -20.20 -8.92 -21.64
N ASP C 204 -21.14 -9.85 -21.49
CA ASP C 204 -21.90 -10.41 -22.59
C ASP C 204 -21.05 -11.38 -23.42
N ARG C 205 -20.10 -12.05 -22.78
CA ARG C 205 -19.32 -13.12 -23.40
C ARG C 205 -19.57 -14.40 -22.61
N ARG C 206 -20.78 -14.93 -22.74
CA ARG C 206 -21.14 -16.24 -22.20
C ARG C 206 -21.02 -16.27 -20.68
N ASN C 207 -21.39 -15.25 -20.04
CA ASN C 207 -21.37 -15.14 -18.59
C ASN C 207 -19.95 -15.38 -18.09
N HIS C 208 -19.18 -14.46 -18.47
CA HIS C 208 -17.77 -14.75 -18.25
C HIS C 208 -17.43 -14.74 -16.76
N CYS C 209 -16.78 -15.81 -16.30
CA CYS C 209 -16.38 -15.98 -14.91
C CYS C 209 -17.55 -16.10 -13.96
N GLY C 210 -18.75 -16.37 -14.50
CA GLY C 210 -19.93 -16.59 -13.68
C GLY C 210 -20.52 -15.32 -13.09
N ILE C 211 -20.25 -14.17 -13.70
CA ILE C 211 -20.61 -12.90 -13.05
C ILE C 211 -22.12 -12.76 -12.87
N ALA C 212 -22.92 -13.42 -13.71
CA ALA C 212 -24.36 -13.29 -13.55
C ALA C 212 -24.97 -14.48 -12.81
N SER C 213 -24.13 -15.39 -12.31
CA SER C 213 -24.66 -16.63 -11.74
C SER C 213 -25.10 -16.51 -10.29
N ALA C 214 -24.72 -15.47 -9.57
CA ALA C 214 -25.07 -15.41 -8.15
C ALA C 214 -25.12 -13.94 -7.77
N ALA C 215 -25.98 -13.22 -8.45
CA ALA C 215 -26.09 -11.77 -8.27
C ALA C 215 -27.29 -11.44 -7.38
N SER C 216 -27.15 -10.43 -6.54
CA SER C 216 -28.22 -10.13 -5.57
C SER C 216 -27.98 -8.74 -4.98
N TYR C 217 -29.00 -8.23 -4.28
CA TYR C 217 -28.84 -6.99 -3.55
C TYR C 217 -29.84 -6.93 -2.41
N PRO C 218 -29.59 -6.11 -1.39
CA PRO C 218 -30.51 -6.08 -0.24
C PRO C 218 -31.70 -5.17 -0.49
N THR C 219 -32.84 -5.58 0.08
CA THR C 219 -34.05 -4.77 0.00
C THR C 219 -34.03 -3.75 1.13
N VAL C 220 -34.08 -2.52 0.78
CA VAL C 220 -34.06 -1.43 1.76
C VAL C 220 -35.29 -0.56 1.48
N ALA D 1 32.16 -3.04 -7.69
CA ALA D 1 31.41 -3.45 -8.89
C ALA D 1 31.05 -2.20 -9.64
N PRO D 2 30.52 -2.33 -10.86
CA PRO D 2 29.96 -1.16 -11.55
C PRO D 2 28.80 -0.58 -10.76
N ARG D 3 28.40 0.65 -11.14
CA ARG D 3 27.26 1.28 -10.48
C ARG D 3 25.95 0.62 -10.89
N SER D 4 25.91 0.03 -12.07
N SER D 4 25.89 0.05 -12.09
CA SER D 4 24.72 -0.67 -12.55
CA SER D 4 24.70 -0.60 -12.61
C SER D 4 25.13 -1.78 -13.49
C SER D 4 25.13 -1.76 -13.52
N VAL D 5 24.30 -2.80 -13.56
CA VAL D 5 24.51 -3.97 -14.41
C VAL D 5 23.15 -4.40 -14.95
N ASP D 6 23.10 -4.82 -16.19
CA ASP D 6 21.86 -5.33 -16.78
C ASP D 6 22.26 -6.34 -17.82
N TRP D 7 22.36 -7.57 -17.39
CA TRP D 7 22.84 -8.68 -18.25
C TRP D 7 21.90 -8.90 -19.44
N ARG D 8 20.69 -8.42 -19.37
CA ARG D 8 19.83 -8.55 -20.53
C ARG D 8 20.45 -7.89 -21.75
N GLU D 9 21.12 -6.74 -21.54
CA GLU D 9 21.72 -5.98 -22.65
C GLU D 9 22.93 -6.69 -23.24
N LYS D 10 23.41 -7.67 -22.54
CA LYS D 10 24.62 -8.39 -22.97
C LYS D 10 24.25 -9.71 -23.62
N GLY D 11 22.99 -10.06 -23.71
CA GLY D 11 22.56 -11.27 -24.36
C GLY D 11 22.49 -12.50 -23.48
N TYR D 12 22.55 -12.35 -22.18
CA TYR D 12 22.65 -13.51 -21.26
C TYR D 12 21.29 -13.99 -20.73
N VAL D 13 20.20 -13.36 -21.13
CA VAL D 13 18.92 -13.63 -20.46
C VAL D 13 17.86 -13.94 -21.51
N THR D 14 17.16 -15.07 -21.34
CA THR D 14 16.01 -15.37 -22.21
C THR D 14 14.80 -14.52 -21.83
N PRO D 15 13.73 -14.52 -22.65
CA PRO D 15 12.48 -13.83 -22.24
C PRO D 15 11.87 -14.43 -20.98
N VAL D 16 10.91 -13.69 -20.47
CA VAL D 16 10.22 -14.12 -19.26
C VAL D 16 9.32 -15.30 -19.58
N LYS D 17 9.37 -16.25 -18.68
CA LYS D 17 8.59 -17.50 -18.77
C LYS D 17 7.46 -17.49 -17.73
N ASN D 18 6.63 -18.50 -17.75
CA ASN D 18 5.52 -18.53 -16.81
C ASN D 18 5.42 -19.94 -16.26
N GLN D 19 5.64 -20.10 -14.98
CA GLN D 19 5.60 -21.42 -14.33
C GLN D 19 4.17 -21.94 -14.18
N GLY D 20 3.17 -21.16 -14.46
CA GLY D 20 1.83 -21.70 -14.33
C GLY D 20 1.47 -21.94 -12.86
N GLN D 21 0.54 -22.87 -12.65
CA GLN D 21 0.09 -23.23 -11.30
C GLN D 21 0.86 -24.48 -10.87
N CYS D 22 2.16 -24.28 -10.67
CA CYS D 22 3.06 -25.36 -10.30
C CYS D 22 4.18 -24.70 -9.51
N GLY D 23 4.50 -25.26 -8.35
CA GLY D 23 5.48 -24.66 -7.45
C GLY D 23 6.88 -24.99 -7.94
N SER D 24 7.19 -24.60 -9.16
CA SER D 24 8.47 -24.96 -9.84
C SER D 24 9.38 -23.73 -10.03
N CYS D 25 9.14 -22.68 -9.28
CA CYS D 25 9.94 -21.44 -9.35
C CYS D 25 11.43 -21.79 -9.34
N TRP D 26 11.79 -22.77 -8.54
CA TRP D 26 13.19 -23.23 -8.43
C TRP D 26 13.78 -23.68 -9.79
N ALA D 27 12.99 -24.29 -10.64
CA ALA D 27 13.46 -24.79 -11.94
C ALA D 27 13.68 -23.59 -12.83
N PHE D 28 12.82 -22.61 -12.75
CA PHE D 28 12.95 -21.44 -13.60
C PHE D 28 14.15 -20.61 -13.19
N SER D 29 14.37 -20.44 -11.88
CA SER D 29 15.57 -19.73 -11.43
C SER D 29 16.82 -20.48 -11.87
N ALA D 30 16.80 -21.81 -11.75
CA ALA D 30 17.97 -22.58 -12.12
C ALA D 30 18.24 -22.49 -13.62
N THR D 31 17.22 -22.67 -14.47
CA THR D 31 17.52 -22.53 -15.89
C THR D 31 17.97 -21.12 -16.25
N GLY D 32 17.45 -20.09 -15.59
CA GLY D 32 17.90 -18.74 -15.94
C GLY D 32 19.39 -18.57 -15.66
N ALA D 33 19.83 -19.06 -14.49
CA ALA D 33 21.23 -19.01 -14.14
C ALA D 33 22.09 -19.85 -15.08
N LEU D 34 21.61 -21.05 -15.46
CA LEU D 34 22.38 -21.89 -16.36
C LEU D 34 22.42 -21.29 -17.76
N GLU D 35 21.28 -20.73 -18.21
CA GLU D 35 21.28 -20.04 -19.50
C GLU D 35 22.36 -18.97 -19.55
N GLY D 36 22.46 -18.18 -18.48
CA GLY D 36 23.47 -17.14 -18.40
C GLY D 36 24.88 -17.70 -18.50
N GLN D 37 25.16 -18.76 -17.73
CA GLN D 37 26.52 -19.29 -17.69
C GLN D 37 26.85 -20.04 -18.97
N MET D 38 25.87 -20.70 -19.60
CA MET D 38 26.17 -21.31 -20.89
C MET D 38 26.46 -20.26 -21.93
N PHE D 39 25.74 -19.13 -21.87
CA PHE D 39 26.02 -18.06 -22.83
C PHE D 39 27.42 -17.51 -22.59
N ARG D 40 27.75 -17.29 -21.33
CA ARG D 40 29.08 -16.82 -21.01
C ARG D 40 30.13 -17.74 -21.60
N LYS D 41 29.87 -19.06 -21.57
CA LYS D 41 30.89 -20.02 -22.02
C LYS D 41 30.97 -20.11 -23.53
N THR D 42 29.83 -20.07 -24.22
CA THR D 42 29.73 -20.36 -25.66
C THR D 42 29.33 -19.21 -26.55
N GLY D 43 28.84 -18.10 -26.00
CA GLY D 43 28.29 -17.04 -26.84
C GLY D 43 26.95 -17.35 -27.48
N ARG D 44 26.32 -18.45 -27.09
CA ARG D 44 25.00 -18.82 -27.68
C ARG D 44 23.94 -18.95 -26.58
N LEU D 45 22.91 -18.11 -26.60
CA LEU D 45 21.82 -18.17 -25.64
C LEU D 45 20.79 -19.22 -26.07
N ILE D 46 20.56 -20.23 -25.25
CA ILE D 46 19.60 -21.28 -25.58
C ILE D 46 18.69 -21.51 -24.40
N SER D 47 17.39 -21.33 -24.61
CA SER D 47 16.44 -21.51 -23.53
C SER D 47 16.43 -22.99 -23.08
N LEU D 48 16.51 -23.22 -21.75
CA LEU D 48 16.60 -24.56 -21.16
C LEU D 48 15.29 -25.08 -20.54
N SER D 49 15.21 -26.40 -20.40
CA SER D 49 13.93 -27.06 -20.11
C SER D 49 13.69 -27.11 -18.60
N GLU D 50 12.76 -26.29 -18.09
CA GLU D 50 12.31 -26.44 -16.71
C GLU D 50 11.65 -27.79 -16.49
N GLN D 51 10.93 -28.30 -17.50
CA GLN D 51 10.25 -29.57 -17.36
C GLN D 51 11.25 -30.69 -17.12
N ASN D 52 12.40 -30.59 -17.77
CA ASN D 52 13.48 -31.60 -17.59
C ASN D 52 13.87 -31.63 -16.11
N LEU D 53 13.96 -30.46 -15.46
CA LEU D 53 14.30 -30.44 -14.05
C LEU D 53 13.12 -30.89 -13.19
N VAL D 54 11.89 -30.45 -13.48
CA VAL D 54 10.73 -30.87 -12.67
C VAL D 54 10.63 -32.40 -12.66
N ASP D 55 10.81 -33.04 -13.83
CA ASP D 55 10.54 -34.47 -13.96
C ASP D 55 11.67 -35.34 -13.46
N CYS D 56 12.92 -34.85 -13.49
CA CYS D 56 14.09 -35.70 -13.42
C CYS D 56 14.98 -35.46 -12.22
N SER D 57 14.89 -34.31 -11.53
CA SER D 57 15.84 -33.96 -10.48
C SER D 57 15.35 -34.31 -9.07
N GLY D 58 14.38 -35.23 -8.94
CA GLY D 58 14.03 -35.76 -7.64
C GLY D 58 15.20 -36.37 -6.88
N PRO D 59 16.07 -37.15 -7.55
CA PRO D 59 17.13 -37.86 -6.79
C PRO D 59 18.07 -36.90 -6.10
N GLN D 60 18.18 -35.67 -6.60
CA GLN D 60 19.01 -34.67 -5.95
C GLN D 60 18.26 -33.91 -4.87
N GLY D 61 16.99 -34.21 -4.65
CA GLY D 61 16.24 -33.60 -3.56
C GLY D 61 15.08 -32.72 -3.98
N ASN D 62 14.87 -32.50 -5.27
CA ASN D 62 13.76 -31.64 -5.68
C ASN D 62 12.45 -32.40 -5.66
N GLU D 63 11.35 -31.66 -5.56
CA GLU D 63 10.03 -32.28 -5.43
C GLU D 63 9.07 -31.73 -6.48
N GLY D 64 9.53 -31.48 -7.69
CA GLY D 64 8.62 -31.15 -8.76
C GLY D 64 7.80 -29.90 -8.50
N CYS D 65 6.48 -29.98 -8.69
CA CYS D 65 5.61 -28.85 -8.39
C CYS D 65 5.46 -28.59 -6.89
N ASN D 66 6.04 -29.42 -6.04
CA ASN D 66 5.98 -29.18 -4.61
C ASN D 66 7.22 -28.49 -4.09
N GLY D 67 8.08 -28.01 -4.96
CA GLY D 67 9.18 -27.19 -4.54
C GLY D 67 10.52 -27.85 -4.77
N GLY D 68 11.55 -27.07 -4.53
CA GLY D 68 12.89 -27.52 -4.85
C GLY D 68 13.90 -26.44 -4.54
N LEU D 69 15.14 -26.70 -4.95
CA LEU D 69 16.21 -25.76 -4.69
C LEU D 69 17.06 -25.68 -5.95
N MET D 70 17.49 -24.47 -6.29
CA MET D 70 18.30 -24.29 -7.47
C MET D 70 19.58 -25.11 -7.39
N ASP D 71 20.16 -25.25 -6.18
CA ASP D 71 21.42 -25.98 -6.08
C ASP D 71 21.22 -27.45 -6.40
N TYR D 72 20.10 -28.03 -5.94
CA TYR D 72 19.76 -29.39 -6.33
C TYR D 72 19.61 -29.51 -7.83
N ALA D 73 19.06 -28.49 -8.47
CA ALA D 73 18.95 -28.52 -9.92
C ALA D 73 20.33 -28.46 -10.59
N PHE D 74 21.21 -27.59 -10.10
CA PHE D 74 22.59 -27.59 -10.61
C PHE D 74 23.25 -28.95 -10.39
N GLN D 75 22.97 -29.56 -9.24
CA GLN D 75 23.55 -30.86 -8.97
C GLN D 75 23.04 -31.91 -9.96
N TYR D 76 21.76 -31.87 -10.29
CA TYR D 76 21.23 -32.80 -11.27
C TYR D 76 21.92 -32.66 -12.62
N VAL D 77 22.05 -31.42 -13.10
CA VAL D 77 22.73 -31.22 -14.40
C VAL D 77 24.12 -31.84 -14.39
N GLN D 78 24.88 -31.64 -13.30
CA GLN D 78 26.20 -32.24 -13.18
C GLN D 78 26.14 -33.78 -13.13
N ASP D 79 25.28 -34.34 -12.26
CA ASP D 79 25.08 -35.79 -12.16
C ASP D 79 24.64 -36.39 -13.49
N ASN D 80 23.68 -35.74 -14.16
CA ASN D 80 23.08 -36.25 -15.37
C ASN D 80 23.96 -36.05 -16.59
N GLY D 81 24.99 -35.24 -16.47
CA GLY D 81 25.76 -34.88 -17.65
C GLY D 81 25.02 -34.05 -18.67
N GLY D 82 23.95 -33.36 -18.29
CA GLY D 82 23.29 -32.55 -19.30
C GLY D 82 21.91 -32.08 -18.91
N LEU D 83 21.35 -31.29 -19.82
CA LEU D 83 20.01 -30.73 -19.64
C LEU D 83 19.46 -30.32 -21.00
N ASP D 84 18.25 -30.73 -21.28
CA ASP D 84 17.70 -30.54 -22.61
C ASP D 84 17.26 -29.11 -22.82
N SER D 85 17.12 -28.76 -24.09
CA SER D 85 16.62 -27.44 -24.43
C SER D 85 15.12 -27.34 -24.17
N GLU D 86 14.70 -26.10 -23.91
CA GLU D 86 13.28 -25.83 -23.76
C GLU D 86 12.51 -26.29 -24.99
N GLU D 87 13.06 -26.05 -26.19
CA GLU D 87 12.36 -26.41 -27.43
C GLU D 87 12.11 -27.91 -27.51
N SER D 88 13.09 -28.71 -27.10
CA SER D 88 13.01 -30.17 -27.18
C SER D 88 12.20 -30.79 -26.07
N TYR D 89 12.04 -30.13 -24.95
CA TYR D 89 11.38 -30.68 -23.74
C TYR D 89 10.57 -29.57 -23.10
N PRO D 90 9.43 -29.31 -23.67
CA PRO D 90 8.71 -28.08 -23.31
C PRO D 90 8.01 -28.23 -21.97
N TYR D 91 7.64 -27.08 -21.44
CA TYR D 91 7.08 -27.01 -20.10
C TYR D 91 5.59 -27.34 -20.10
N GLU D 92 5.16 -28.20 -19.16
CA GLU D 92 3.78 -28.63 -19.00
C GLU D 92 3.14 -28.17 -17.70
N ALA D 93 3.91 -27.60 -16.78
CA ALA D 93 3.35 -27.09 -15.52
C ALA D 93 2.70 -28.16 -14.66
N THR D 94 3.18 -29.40 -14.80
CA THR D 94 2.75 -30.54 -13.98
C THR D 94 3.88 -31.56 -14.00
N GLU D 95 4.00 -32.33 -12.92
CA GLU D 95 5.13 -33.26 -12.82
C GLU D 95 4.81 -34.52 -13.62
N GLU D 96 5.75 -34.96 -14.44
CA GLU D 96 5.63 -36.21 -15.14
C GLU D 96 6.93 -36.99 -14.98
N SER D 97 6.96 -38.19 -15.55
CA SER D 97 8.16 -39.00 -15.51
C SER D 97 9.24 -38.42 -16.41
N CYS D 98 10.46 -38.78 -16.11
CA CYS D 98 11.65 -38.24 -16.78
C CYS D 98 11.78 -38.69 -18.23
N LYS D 99 11.93 -37.75 -19.14
CA LYS D 99 12.06 -38.02 -20.59
C LYS D 99 13.36 -37.39 -21.10
N TYR D 100 14.35 -37.22 -20.24
CA TYR D 100 15.61 -36.64 -20.68
C TYR D 100 16.21 -37.42 -21.84
N ASN D 101 16.72 -36.70 -22.83
CA ASN D 101 17.35 -37.28 -24.02
C ASN D 101 18.68 -36.58 -24.26
N PRO D 102 19.81 -37.26 -24.08
CA PRO D 102 21.10 -36.57 -24.15
C PRO D 102 21.42 -36.04 -25.53
N LYS D 103 20.74 -36.53 -26.56
CA LYS D 103 20.88 -35.99 -27.90
C LYS D 103 20.45 -34.53 -27.96
N TYR D 104 19.49 -34.14 -27.14
CA TYR D 104 18.95 -32.79 -27.13
C TYR D 104 19.49 -31.95 -25.98
N SER D 105 20.55 -32.40 -25.33
CA SER D 105 21.17 -31.62 -24.27
C SER D 105 21.98 -30.48 -24.86
N VAL D 106 21.81 -29.30 -24.28
CA VAL D 106 22.52 -28.13 -24.77
C VAL D 106 23.31 -27.46 -23.65
N ALA D 107 23.33 -28.08 -22.46
CA ALA D 107 23.99 -27.46 -21.32
C ALA D 107 24.57 -28.55 -20.42
N ASN D 108 25.50 -28.15 -19.56
CA ASN D 108 26.12 -28.99 -18.57
C ASN D 108 26.69 -28.09 -17.52
N ASP D 109 26.94 -28.63 -16.33
CA ASP D 109 27.67 -27.89 -15.32
C ASP D 109 28.44 -28.89 -14.48
N ALA D 110 29.38 -28.36 -13.73
CA ALA D 110 30.30 -29.14 -12.92
C ALA D 110 30.11 -28.85 -11.45
N GLY D 111 28.89 -28.46 -11.08
CA GLY D 111 28.54 -28.11 -9.72
C GLY D 111 28.07 -26.66 -9.64
N PHE D 112 28.31 -26.05 -8.49
CA PHE D 112 27.72 -24.75 -8.22
C PHE D 112 28.52 -24.06 -7.13
N VAL D 113 28.27 -22.80 -7.03
CA VAL D 113 28.92 -21.94 -6.01
C VAL D 113 27.83 -21.20 -5.25
N ASP D 114 27.82 -21.36 -3.95
CA ASP D 114 26.96 -20.61 -3.07
C ASP D 114 27.66 -19.32 -2.69
N ILE D 115 26.95 -18.21 -2.82
CA ILE D 115 27.50 -16.90 -2.51
C ILE D 115 27.35 -16.59 -1.02
N PRO D 116 28.35 -15.99 -0.39
CA PRO D 116 28.19 -15.58 1.01
C PRO D 116 26.94 -14.75 1.16
N LYS D 117 26.39 -14.84 2.34
CA LYS D 117 25.06 -14.30 2.70
C LYS D 117 25.04 -12.80 2.94
N GLN D 118 25.60 -12.03 2.04
CA GLN D 118 25.43 -10.58 2.14
C GLN D 118 25.32 -9.97 0.75
N GLU D 119 24.80 -8.77 0.71
CA GLU D 119 24.49 -8.12 -0.55
C GLU D 119 25.72 -7.59 -1.25
N LYS D 120 26.79 -7.30 -0.51
CA LYS D 120 28.02 -6.88 -1.14
C LYS D 120 28.58 -8.02 -1.99
N ALA D 121 28.56 -9.23 -1.43
CA ALA D 121 29.01 -10.41 -2.16
C ALA D 121 28.08 -10.74 -3.31
N LEU D 122 26.77 -10.61 -3.08
CA LEU D 122 25.82 -10.80 -4.16
C LEU D 122 26.08 -9.81 -5.30
N MET D 123 26.31 -8.53 -5.00
CA MET D 123 26.62 -7.58 -6.06
C MET D 123 27.88 -8.00 -6.82
N LYS D 124 28.94 -8.34 -6.09
CA LYS D 124 30.17 -8.78 -6.76
C LYS D 124 29.92 -9.96 -7.71
N ALA D 125 29.16 -10.97 -7.27
CA ALA D 125 28.89 -12.13 -8.12
C ALA D 125 28.04 -11.74 -9.33
N VAL D 126 27.03 -10.88 -9.12
CA VAL D 126 26.24 -10.41 -10.25
C VAL D 126 27.13 -9.69 -11.25
N ALA D 127 28.03 -8.84 -10.75
CA ALA D 127 28.88 -8.07 -11.66
C ALA D 127 29.86 -8.95 -12.41
N THR D 128 30.41 -9.97 -11.76
CA THR D 128 31.54 -10.69 -12.34
C THR D 128 31.18 -12.04 -12.94
N VAL D 129 29.98 -12.54 -12.71
CA VAL D 129 29.62 -13.89 -13.13
C VAL D 129 28.51 -13.86 -14.18
N GLY D 130 27.44 -13.14 -13.92
CA GLY D 130 26.29 -13.18 -14.77
C GLY D 130 25.07 -13.25 -13.86
N PRO D 131 23.90 -13.57 -14.42
CA PRO D 131 22.70 -13.68 -13.58
C PRO D 131 22.85 -14.75 -12.51
N ILE D 132 22.19 -14.50 -11.37
CA ILE D 132 22.43 -15.26 -10.15
C ILE D 132 21.09 -15.79 -9.64
N SER D 133 21.05 -17.07 -9.29
CA SER D 133 19.84 -17.66 -8.75
C SER D 133 19.71 -17.21 -7.30
N VAL D 134 18.51 -16.77 -6.91
CA VAL D 134 18.27 -16.35 -5.54
C VAL D 134 16.89 -16.78 -5.11
N ALA D 135 16.71 -16.85 -3.78
CA ALA D 135 15.41 -17.10 -3.17
C ALA D 135 15.00 -15.86 -2.38
N ILE D 136 13.74 -15.50 -2.47
CA ILE D 136 13.24 -14.33 -1.77
C ILE D 136 11.94 -14.67 -1.04
N ASP D 137 11.62 -13.86 -0.04
CA ASP D 137 10.30 -13.89 0.57
C ASP D 137 9.35 -13.17 -0.38
N ALA D 138 8.57 -13.91 -1.14
CA ALA D 138 7.57 -13.31 -2.03
C ALA D 138 6.17 -13.44 -1.46
N GLY D 139 6.05 -13.87 -0.21
CA GLY D 139 4.77 -14.27 0.37
C GLY D 139 3.91 -13.13 0.89
N HIS D 140 3.72 -12.10 0.05
CA HIS D 140 2.93 -10.93 0.44
C HIS D 140 2.10 -10.47 -0.75
N GLU D 141 0.91 -9.99 -0.43
CA GLU D 141 0.03 -9.45 -1.46
C GLU D 141 0.71 -8.35 -2.26
N SER D 142 1.52 -7.54 -1.59
CA SER D 142 2.16 -6.44 -2.30
C SER D 142 3.07 -6.97 -3.42
N PHE D 143 3.61 -8.17 -3.25
CA PHE D 143 4.44 -8.75 -4.31
C PHE D 143 3.58 -9.20 -5.49
N LEU D 144 2.45 -9.77 -5.20
CA LEU D 144 1.57 -10.19 -6.32
C LEU D 144 1.17 -8.97 -7.15
N PHE D 145 0.88 -7.89 -6.47
CA PHE D 145 0.31 -6.69 -7.13
C PHE D 145 1.38 -5.73 -7.62
N TYR D 146 2.62 -6.06 -7.42
CA TYR D 146 3.74 -5.15 -7.81
C TYR D 146 3.59 -4.69 -9.28
N LYS D 147 3.73 -3.41 -9.52
CA LYS D 147 3.60 -2.83 -10.89
C LYS D 147 4.89 -2.15 -11.35
N GLU D 148 5.56 -1.41 -10.51
CA GLU D 148 6.70 -0.61 -10.94
C GLU D 148 7.37 -0.08 -9.68
N GLY D 149 8.57 0.44 -9.86
CA GLY D 149 9.29 1.05 -8.77
C GLY D 149 10.09 0.02 -8.01
N ILE D 150 10.69 0.46 -6.92
CA ILE D 150 11.53 -0.43 -6.11
C ILE D 150 10.69 -1.10 -5.02
N TYR D 151 10.69 -2.38 -5.04
CA TYR D 151 9.79 -3.13 -4.16
C TYR D 151 10.36 -3.13 -2.77
N PHE D 152 9.58 -2.66 -1.78
CA PHE D 152 10.04 -2.74 -0.40
C PHE D 152 8.85 -3.12 0.45
N GLU D 153 8.94 -4.22 1.15
CA GLU D 153 7.79 -4.73 1.92
C GLU D 153 8.12 -4.78 3.40
N PRO D 154 7.47 -3.96 4.25
CA PRO D 154 7.82 -3.95 5.67
C PRO D 154 7.90 -5.32 6.31
N ASP D 155 6.97 -6.19 5.95
CA ASP D 155 6.90 -7.53 6.53
C ASP D 155 7.77 -8.57 5.85
N CYS D 156 8.69 -8.14 5.00
CA CYS D 156 9.57 -9.09 4.32
C CYS D 156 10.59 -9.67 5.28
N SER D 157 10.85 -10.96 5.13
CA SER D 157 11.72 -11.71 6.02
C SER D 157 13.00 -12.05 5.28
N SER D 158 14.14 -11.92 5.97
N SER D 158 14.14 -11.91 5.95
CA SER D 158 15.40 -12.35 5.40
CA SER D 158 15.39 -12.36 5.36
C SER D 158 15.68 -13.83 5.65
C SER D 158 15.66 -13.84 5.60
N GLU D 159 14.75 -14.54 6.29
CA GLU D 159 14.95 -15.91 6.71
C GLU D 159 14.02 -16.92 6.05
N ASP D 160 12.82 -16.52 5.67
CA ASP D 160 11.78 -17.46 5.26
C ASP D 160 11.43 -17.22 3.79
N MET D 161 12.40 -17.50 2.92
CA MET D 161 12.17 -17.28 1.50
C MET D 161 11.39 -18.44 0.93
N ASP D 162 10.42 -18.13 0.08
CA ASP D 162 9.53 -19.13 -0.48
C ASP D 162 9.54 -19.15 -2.00
N HIS D 163 10.46 -18.41 -2.62
CA HIS D 163 10.34 -18.15 -4.05
C HIS D 163 11.71 -18.02 -4.68
N GLY D 164 11.96 -18.78 -5.74
CA GLY D 164 13.24 -18.73 -6.44
C GLY D 164 13.08 -17.88 -7.69
N VAL D 165 13.99 -16.91 -7.85
CA VAL D 165 14.00 -15.98 -8.96
C VAL D 165 15.42 -15.73 -9.42
N LEU D 166 15.62 -14.77 -10.31
CA LEU D 166 16.92 -14.63 -10.99
C LEU D 166 17.34 -13.18 -10.94
N VAL D 167 18.47 -12.89 -10.31
CA VAL D 167 19.00 -11.52 -10.34
C VAL D 167 19.78 -11.33 -11.63
N VAL D 168 19.31 -10.40 -12.48
CA VAL D 168 19.94 -10.15 -13.76
C VAL D 168 20.72 -8.84 -13.79
N GLY D 169 20.67 -8.09 -12.70
CA GLY D 169 21.43 -6.86 -12.61
C GLY D 169 21.06 -6.11 -11.36
N TYR D 170 21.46 -4.84 -11.32
CA TYR D 170 21.13 -3.94 -10.21
C TYR D 170 21.40 -2.52 -10.67
N GLY D 171 20.93 -1.55 -9.92
CA GLY D 171 21.16 -0.17 -10.29
C GLY D 171 20.53 0.75 -9.28
N PHE D 172 20.23 1.96 -9.72
CA PHE D 172 19.63 2.96 -8.83
C PHE D 172 18.70 3.85 -9.63
N GLU D 173 17.72 4.42 -8.95
CA GLU D 173 16.76 5.40 -9.44
C GLU D 173 17.05 6.73 -8.74
N SER D 174 16.53 7.80 -9.32
CA SER D 174 16.76 9.14 -8.78
C SER D 174 18.24 9.47 -8.84
N THR D 175 18.66 10.43 -8.01
CA THR D 175 20.07 10.82 -8.00
C THR D 175 20.83 9.85 -7.11
N GLU D 176 22.07 9.57 -7.50
CA GLU D 176 22.79 8.48 -6.85
C GLU D 176 22.91 8.68 -5.35
N SER D 177 23.07 9.92 -4.91
CA SER D 177 23.27 10.14 -3.48
C SER D 177 22.03 9.79 -2.65
N ASP D 178 20.88 9.63 -3.30
CA ASP D 178 19.68 9.22 -2.58
C ASP D 178 19.73 7.78 -2.11
N ASN D 179 20.66 6.96 -2.66
CA ASN D 179 20.81 5.56 -2.25
C ASN D 179 19.51 4.79 -2.46
N ASN D 180 18.83 5.13 -3.55
CA ASN D 180 17.60 4.49 -4.01
C ASN D 180 17.97 3.33 -4.96
N LYS D 181 18.45 2.26 -4.36
CA LYS D 181 19.11 1.18 -5.08
C LYS D 181 18.22 -0.05 -5.21
N TYR D 182 18.42 -0.80 -6.29
CA TYR D 182 17.59 -1.98 -6.46
C TYR D 182 18.37 -3.12 -7.10
N TRP D 183 17.86 -4.32 -6.88
CA TRP D 183 18.22 -5.53 -7.62
C TRP D 183 17.23 -5.70 -8.76
N LEU D 184 17.73 -5.98 -9.97
CA LEU D 184 16.86 -6.21 -11.13
C LEU D 184 16.57 -7.71 -11.21
N VAL D 185 15.31 -8.10 -11.07
CA VAL D 185 14.98 -9.49 -10.80
C VAL D 185 13.99 -10.01 -11.84
N LYS D 186 14.33 -11.14 -12.46
CA LYS D 186 13.45 -11.81 -13.40
C LYS D 186 12.60 -12.83 -12.64
N ASN D 187 11.28 -12.72 -12.78
CA ASN D 187 10.35 -13.69 -12.20
C ASN D 187 9.91 -14.66 -13.31
N SER D 188 9.16 -15.66 -12.90
CA SER D 188 8.63 -16.69 -13.78
C SER D 188 7.10 -16.73 -13.71
N TRP D 189 6.48 -15.55 -13.69
CA TRP D 189 5.03 -15.47 -13.64
C TRP D 189 4.48 -14.79 -14.88
N GLY D 190 5.20 -14.81 -16.00
CA GLY D 190 4.61 -14.21 -17.17
C GLY D 190 4.93 -12.73 -17.24
N GLU D 191 4.84 -12.19 -18.46
CA GLU D 191 5.23 -10.79 -18.60
C GLU D 191 4.09 -9.87 -18.17
N GLU D 192 2.93 -10.41 -17.86
CA GLU D 192 1.84 -9.57 -17.35
C GLU D 192 1.98 -9.25 -15.86
N TRP D 193 2.81 -9.99 -15.14
CA TRP D 193 3.14 -9.66 -13.76
C TRP D 193 4.20 -8.57 -13.70
N GLY D 194 4.07 -7.65 -12.73
CA GLY D 194 5.16 -6.72 -12.46
C GLY D 194 5.50 -5.88 -13.68
N MET D 195 6.79 -5.65 -13.90
N MET D 195 6.79 -5.62 -13.87
CA MET D 195 7.25 -4.77 -14.97
CA MET D 195 7.27 -4.77 -14.97
C MET D 195 7.74 -5.62 -16.14
C MET D 195 7.73 -5.68 -16.10
N GLY D 196 6.80 -6.05 -16.98
CA GLY D 196 7.18 -6.96 -18.05
C GLY D 196 7.66 -8.28 -17.50
N GLY D 197 7.18 -8.66 -16.30
CA GLY D 197 7.66 -9.87 -15.66
C GLY D 197 8.87 -9.70 -14.76
N TYR D 198 9.37 -8.51 -14.66
CA TYR D 198 10.54 -8.16 -13.84
C TYR D 198 10.12 -7.34 -12.61
N VAL D 199 11.00 -7.32 -11.63
CA VAL D 199 10.78 -6.55 -10.38
C VAL D 199 12.12 -5.94 -9.95
N LYS D 200 12.06 -4.69 -9.55
CA LYS D 200 13.20 -4.00 -8.93
C LYS D 200 13.07 -4.26 -7.43
N MET D 201 14.01 -4.92 -6.83
CA MET D 201 13.89 -5.22 -5.40
C MET D 201 14.84 -4.38 -4.55
N ALA D 202 14.37 -3.97 -3.39
CA ALA D 202 15.15 -3.14 -2.46
C ALA D 202 16.56 -3.71 -2.28
N LYS D 203 17.55 -2.88 -2.45
CA LYS D 203 18.95 -3.31 -2.38
C LYS D 203 19.66 -2.49 -1.31
N ASP D 204 20.47 -3.18 -0.56
CA ASP D 204 21.33 -2.60 0.47
C ASP D 204 20.51 -2.08 1.63
N ARG D 205 19.43 -2.79 1.92
CA ARG D 205 18.65 -2.55 3.12
C ARG D 205 18.75 -3.79 4.01
N ARG D 206 19.96 -4.27 4.22
CA ARG D 206 20.20 -5.41 5.11
C ARG D 206 19.42 -6.66 4.64
N ASN D 207 19.53 -7.00 3.38
CA ASN D 207 19.08 -8.28 2.84
C ASN D 207 17.56 -8.38 2.92
N HIS D 208 17.04 -7.33 2.27
CA HIS D 208 15.59 -7.24 2.27
C HIS D 208 15.00 -8.41 1.50
N CYS D 209 13.94 -9.00 2.07
CA CYS D 209 13.30 -10.23 1.56
C CYS D 209 14.27 -11.39 1.38
N GLY D 210 15.44 -11.33 2.00
CA GLY D 210 16.36 -12.43 1.99
C GLY D 210 17.05 -12.69 0.66
N ILE D 211 17.11 -11.70 -0.24
CA ILE D 211 17.64 -11.92 -1.58
C ILE D 211 19.08 -12.46 -1.59
N ALA D 212 19.87 -12.15 -0.58
CA ALA D 212 21.23 -12.65 -0.49
C ALA D 212 21.36 -13.88 0.40
N SER D 213 20.24 -14.44 0.89
CA SER D 213 20.34 -15.54 1.86
C SER D 213 20.67 -16.88 1.22
N ALA D 214 20.29 -17.10 -0.04
CA ALA D 214 20.50 -18.40 -0.66
C ALA D 214 20.73 -18.19 -2.16
N ALA D 215 21.80 -17.49 -2.46
CA ALA D 215 22.12 -17.09 -3.81
C ALA D 215 23.21 -18.04 -4.31
N SER D 216 23.10 -18.46 -5.57
CA SER D 216 24.11 -19.39 -6.10
C SER D 216 24.10 -19.33 -7.61
N TYR D 217 25.12 -19.95 -8.22
CA TYR D 217 25.13 -20.08 -9.66
C TYR D 217 25.89 -21.34 -10.02
N PRO D 218 25.63 -21.89 -11.20
CA PRO D 218 26.31 -23.11 -11.63
C PRO D 218 27.69 -22.81 -12.20
N THR D 219 28.56 -23.78 -12.04
CA THR D 219 29.94 -23.69 -12.58
C THR D 219 29.95 -24.43 -13.91
N VAL D 220 30.31 -23.77 -14.99
CA VAL D 220 30.30 -24.46 -16.30
C VAL D 220 31.71 -24.50 -16.92
#